data_1D24
# 
_entry.id   1D24 
# 
_audit_conform.dict_name       mmcif_pdbx.dic 
_audit_conform.dict_version    5.385 
_audit_conform.dict_location   http://mmcif.pdb.org/dictionaries/ascii/mmcif_pdbx.dic 
# 
loop_
_database_2.database_id 
_database_2.database_code 
_database_2.pdbx_database_accession 
_database_2.pdbx_DOI 
PDB   1D24         pdb_00001d24 10.2210/pdb1d24/pdb 
RCSB  ZDFB21       ?            ?                   
WWPDB D_1000172629 ?            ?                   
# 
loop_
_pdbx_audit_revision_history.ordinal 
_pdbx_audit_revision_history.data_content_type 
_pdbx_audit_revision_history.major_revision 
_pdbx_audit_revision_history.minor_revision 
_pdbx_audit_revision_history.revision_date 
1 'Structure model' 1 0 1992-04-07 
2 'Structure model' 1 1 2008-05-22 
3 'Structure model' 1 2 2011-07-13 
4 'Structure model' 1 3 2024-02-07 
# 
_pdbx_audit_revision_details.ordinal             1 
_pdbx_audit_revision_details.revision_ordinal    1 
_pdbx_audit_revision_details.data_content_type   'Structure model' 
_pdbx_audit_revision_details.provider            repository 
_pdbx_audit_revision_details.type                'Initial release' 
_pdbx_audit_revision_details.description         ? 
_pdbx_audit_revision_details.details             ? 
# 
loop_
_pdbx_audit_revision_group.ordinal 
_pdbx_audit_revision_group.revision_ordinal 
_pdbx_audit_revision_group.data_content_type 
_pdbx_audit_revision_group.group 
1 2 'Structure model' 'Version format compliance' 
2 3 'Structure model' 'Version format compliance' 
3 4 'Structure model' 'Data collection'           
4 4 'Structure model' 'Database references'       
5 4 'Structure model' 'Derived calculations'      
# 
loop_
_pdbx_audit_revision_category.ordinal 
_pdbx_audit_revision_category.revision_ordinal 
_pdbx_audit_revision_category.data_content_type 
_pdbx_audit_revision_category.category 
1 4 'Structure model' chem_comp_atom 
2 4 'Structure model' chem_comp_bond 
3 4 'Structure model' database_2     
4 4 'Structure model' struct_conn    
# 
loop_
_pdbx_audit_revision_item.ordinal 
_pdbx_audit_revision_item.revision_ordinal 
_pdbx_audit_revision_item.data_content_type 
_pdbx_audit_revision_item.item 
1 4 'Structure model' '_database_2.pdbx_DOI'                
2 4 'Structure model' '_database_2.pdbx_database_accession' 
3 4 'Structure model' '_struct_conn.pdbx_leaving_atom_flag' 
# 
_pdbx_database_status.status_code                     REL 
_pdbx_database_status.entry_id                        1D24 
_pdbx_database_status.recvd_initial_deposition_date   1990-08-29 
_pdbx_database_status.deposit_site                    BNL 
_pdbx_database_status.process_site                    NDB 
_pdbx_database_status.status_code_sf                  REL 
_pdbx_database_status.status_code_mr                  ? 
_pdbx_database_status.SG_entry                        ? 
_pdbx_database_status.pdb_format_compatible           Y 
_pdbx_database_status.status_code_cs                  ? 
_pdbx_database_status.status_code_nmr_data            ? 
_pdbx_database_status.methods_development_category    ? 
# 
loop_
_audit_author.name 
_audit_author.pdbx_ordinal 
'Ginell, S.L.' 1 
'Kuzmich, S.'  2 
'Jones, R.A.'  3 
'Berman, H.M.' 4 
# 
_citation.id                        primary 
_citation.title                     
'Crystal and molecular structure of a DNA duplex containing the carcinogenic lesion O6-methylguanine.' 
_citation.journal_abbrev            Biochemistry 
_citation.journal_volume            29 
_citation.page_first                10461 
_citation.page_last                 10465 
_citation.year                      1990 
_citation.journal_id_ASTM           BICHAW 
_citation.country                   US 
_citation.journal_id_ISSN           0006-2960 
_citation.journal_id_CSD            0033 
_citation.book_publisher            ? 
_citation.pdbx_database_id_PubMed   2271657 
_citation.pdbx_database_id_DOI      10.1021/bi00498a005 
# 
loop_
_citation_author.citation_id 
_citation_author.name 
_citation_author.ordinal 
_citation_author.identifier_ORCID 
primary 'Ginell, S.L.' 1 ? 
primary 'Kuzmich, S.'  2 ? 
primary 'Jones, R.A.'  3 ? 
primary 'Berman, H.M.' 4 ? 
# 
loop_
_entity.id 
_entity.type 
_entity.src_method 
_entity.pdbx_description 
_entity.formula_weight 
_entity.pdbx_number_of_molecules 
_entity.pdbx_ec 
_entity.pdbx_mutation 
_entity.pdbx_fragment 
_entity.details 
1 polymer syn 
;DNA (5'-D(*CP*GP*CP*(6OG)P*CP*G)-3')
;
1824.232 2  ? ? ? ? 
2 water   nat water                                  18.015   60 ? ? ? ? 
# 
_entity_poly.entity_id                      1 
_entity_poly.type                           polydeoxyribonucleotide 
_entity_poly.nstd_linkage                   no 
_entity_poly.nstd_monomer                   yes 
_entity_poly.pdbx_seq_one_letter_code       '(DC)(DG)(DC)(6OG)(DC)(DG)' 
_entity_poly.pdbx_seq_one_letter_code_can   CGCGCG 
_entity_poly.pdbx_strand_id                 A,B 
_entity_poly.pdbx_target_identifier         ? 
# 
_pdbx_entity_nonpoly.entity_id   2 
_pdbx_entity_nonpoly.name        water 
_pdbx_entity_nonpoly.comp_id     HOH 
# 
loop_
_entity_poly_seq.entity_id 
_entity_poly_seq.num 
_entity_poly_seq.mon_id 
_entity_poly_seq.hetero 
1 1 DC  n 
1 2 DG  n 
1 3 DC  n 
1 4 6OG n 
1 5 DC  n 
1 6 DG  n 
# 
loop_
_chem_comp.id 
_chem_comp.type 
_chem_comp.mon_nstd_flag 
_chem_comp.name 
_chem_comp.pdbx_synonyms 
_chem_comp.formula 
_chem_comp.formula_weight 
6OG 'DNA linking' n 
;6-O-METHYL GUANOSINE-5'-MONOPHOSPHATE
;
? 'C11 H16 N5 O7 P' 361.248 
DC  'DNA linking' y "2'-DEOXYCYTIDINE-5'-MONOPHOSPHATE"     ? 'C9 H14 N3 O7 P'  307.197 
DG  'DNA linking' y "2'-DEOXYGUANOSINE-5'-MONOPHOSPHATE"    ? 'C10 H14 N5 O7 P' 347.221 
HOH non-polymer   . WATER                                   ? 'H2 O'            18.015  
# 
loop_
_pdbx_poly_seq_scheme.asym_id 
_pdbx_poly_seq_scheme.entity_id 
_pdbx_poly_seq_scheme.seq_id 
_pdbx_poly_seq_scheme.mon_id 
_pdbx_poly_seq_scheme.ndb_seq_num 
_pdbx_poly_seq_scheme.pdb_seq_num 
_pdbx_poly_seq_scheme.auth_seq_num 
_pdbx_poly_seq_scheme.pdb_mon_id 
_pdbx_poly_seq_scheme.auth_mon_id 
_pdbx_poly_seq_scheme.pdb_strand_id 
_pdbx_poly_seq_scheme.pdb_ins_code 
_pdbx_poly_seq_scheme.hetero 
A 1 1 DC  1 1  1  DC  C  A . n 
A 1 2 DG  2 2  2  DG  G  A . n 
A 1 3 DC  3 3  3  DC  C  A . n 
A 1 4 6OG 4 4  4  6OG +G A . n 
A 1 5 DC  5 5  5  DC  C  A . n 
A 1 6 DG  6 6  6  DG  G  A . n 
B 1 1 DC  1 7  7  DC  C  B . n 
B 1 2 DG  2 8  8  DG  G  B . n 
B 1 3 DC  3 9  9  DC  C  B . n 
B 1 4 6OG 4 10 10 6OG +G B . n 
B 1 5 DC  5 11 11 DC  C  B . n 
B 1 6 DG  6 12 12 DG  G  B . n 
# 
loop_
_pdbx_nonpoly_scheme.asym_id 
_pdbx_nonpoly_scheme.entity_id 
_pdbx_nonpoly_scheme.mon_id 
_pdbx_nonpoly_scheme.ndb_seq_num 
_pdbx_nonpoly_scheme.pdb_seq_num 
_pdbx_nonpoly_scheme.auth_seq_num 
_pdbx_nonpoly_scheme.pdb_mon_id 
_pdbx_nonpoly_scheme.auth_mon_id 
_pdbx_nonpoly_scheme.pdb_strand_id 
_pdbx_nonpoly_scheme.pdb_ins_code 
C 2 HOH 1  13 13 HOH HOH A . 
C 2 HOH 2  14 14 HOH HOH A . 
C 2 HOH 3  15 15 HOH HOH A . 
C 2 HOH 4  17 17 HOH HOH A . 
C 2 HOH 5  20 20 HOH HOH A . 
C 2 HOH 6  21 21 HOH HOH A . 
C 2 HOH 7  22 22 HOH HOH A . 
C 2 HOH 8  25 25 HOH HOH A . 
C 2 HOH 9  26 26 HOH HOH A . 
C 2 HOH 10 30 30 HOH HOH A . 
C 2 HOH 11 33 33 HOH HOH A . 
C 2 HOH 12 34 34 HOH HOH A . 
C 2 HOH 13 35 35 HOH HOH A . 
C 2 HOH 14 37 37 HOH HOH A . 
C 2 HOH 15 38 38 HOH HOH A . 
C 2 HOH 16 39 39 HOH HOH A . 
C 2 HOH 17 41 41 HOH HOH A . 
C 2 HOH 18 42 42 HOH HOH A . 
C 2 HOH 19 44 44 HOH HOH A . 
C 2 HOH 20 45 45 HOH HOH A . 
C 2 HOH 21 49 49 HOH HOH A . 
C 2 HOH 22 50 50 HOH HOH A . 
C 2 HOH 23 52 52 HOH HOH A . 
C 2 HOH 24 53 53 HOH HOH A . 
C 2 HOH 25 55 55 HOH HOH A . 
C 2 HOH 26 59 59 HOH HOH A . 
C 2 HOH 27 60 60 HOH HOH A . 
C 2 HOH 28 61 61 HOH HOH A . 
C 2 HOH 29 64 64 HOH HOH A . 
C 2 HOH 30 72 72 HOH HOH A . 
D 2 HOH 1  16 16 HOH HOH B . 
D 2 HOH 2  18 18 HOH HOH B . 
D 2 HOH 3  19 19 HOH HOH B . 
D 2 HOH 4  23 23 HOH HOH B . 
D 2 HOH 5  24 24 HOH HOH B . 
D 2 HOH 6  27 27 HOH HOH B . 
D 2 HOH 7  28 28 HOH HOH B . 
D 2 HOH 8  29 29 HOH HOH B . 
D 2 HOH 9  31 31 HOH HOH B . 
D 2 HOH 10 32 32 HOH HOH B . 
D 2 HOH 11 36 36 HOH HOH B . 
D 2 HOH 12 40 40 HOH HOH B . 
D 2 HOH 13 43 43 HOH HOH B . 
D 2 HOH 14 46 46 HOH HOH B . 
D 2 HOH 15 47 47 HOH HOH B . 
D 2 HOH 16 48 48 HOH HOH B . 
D 2 HOH 17 51 51 HOH HOH B . 
D 2 HOH 18 54 54 HOH HOH B . 
D 2 HOH 19 56 56 HOH HOH B . 
D 2 HOH 20 57 57 HOH HOH B . 
D 2 HOH 21 58 58 HOH HOH B . 
D 2 HOH 22 62 62 HOH HOH B . 
D 2 HOH 23 63 63 HOH HOH B . 
D 2 HOH 24 65 65 HOH HOH B . 
D 2 HOH 25 66 66 HOH HOH B . 
D 2 HOH 26 67 67 HOH HOH B . 
D 2 HOH 27 68 68 HOH HOH B . 
D 2 HOH 28 69 69 HOH HOH B . 
D 2 HOH 29 70 70 HOH HOH B . 
D 2 HOH 30 71 71 HOH HOH B . 
# 
_software.name             NUCLSQ 
_software.classification   refinement 
_software.version          . 
_software.citation_id      ? 
_software.pdbx_ordinal     1 
# 
_cell.entry_id           1D24 
_cell.length_a           17.850 
_cell.length_b           30.870 
_cell.length_c           43.980 
_cell.angle_alpha        90.00 
_cell.angle_beta         90.00 
_cell.angle_gamma        90.00 
_cell.Z_PDB              8 
_cell.pdbx_unique_axis   ? 
# 
_symmetry.entry_id                         1D24 
_symmetry.space_group_name_H-M             'P 21 21 21' 
_symmetry.pdbx_full_space_group_name_H-M   ? 
_symmetry.cell_setting                     ? 
_symmetry.Int_Tables_number                19 
# 
_exptl.entry_id          1D24 
_exptl.method            'X-RAY DIFFRACTION' 
_exptl.crystals_number   ? 
# 
_exptl_crystal.id                    1 
_exptl_crystal.density_meas          ? 
_exptl_crystal.density_Matthews      1.66 
_exptl_crystal.density_percent_sol   25.93 
_exptl_crystal.description           ? 
# 
_exptl_crystal_grow.crystal_id      1 
_exptl_crystal_grow.method          'VAPOR DIFFUSION' 
_exptl_crystal_grow.temp            ? 
_exptl_crystal_grow.temp_details    'ROOM TEMPERATURE' 
_exptl_crystal_grow.pH              7.00 
_exptl_crystal_grow.pdbx_details    'pH 7.00, VAPOR DIFFUSION' 
_exptl_crystal_grow.pdbx_pH_range   ? 
# 
loop_
_exptl_crystal_grow_comp.crystal_id 
_exptl_crystal_grow_comp.id 
_exptl_crystal_grow_comp.sol_id 
_exptl_crystal_grow_comp.name 
_exptl_crystal_grow_comp.volume 
_exptl_crystal_grow_comp.conc 
_exptl_crystal_grow_comp.details 
1 1 1 WATER           ? ? ? 
1 2 1 MPD             ? ? ? 
1 3 1 'NA CACODYLATE' ? ? ? 
1 4 1 MGCL2           ? ? ? 
1 5 1 SPERMINE        ? ? ? 
1 6 2 WATER           ? ? ? 
1 7 2 MPD             ? ? ? 
# 
_diffrn.id                     1 
_diffrn.ambient_temp           183.00 
_diffrn.ambient_temp_details   ? 
_diffrn.crystal_id             1 
# 
_diffrn_detector.diffrn_id              1 
_diffrn_detector.detector               'AREA DETECTOR' 
_diffrn_detector.type                   SIEMENS-NICOLET 
_diffrn_detector.pdbx_collection_date   ? 
_diffrn_detector.details                ? 
# 
_diffrn_radiation.diffrn_id                        1 
_diffrn_radiation.wavelength_id                    1 
_diffrn_radiation.pdbx_monochromatic_or_laue_m_l   ? 
_diffrn_radiation.monochromator                    ? 
_diffrn_radiation.pdbx_diffrn_protocol             ? 
_diffrn_radiation.pdbx_scattering_type             x-ray 
# 
_diffrn_radiation_wavelength.id           1 
_diffrn_radiation_wavelength.wavelength   . 
_diffrn_radiation_wavelength.wt           1.0 
# 
_diffrn_source.diffrn_id                   1 
_diffrn_source.source                      'ROTATING ANODE' 
_diffrn_source.type                        'RIGAKU RU200' 
_diffrn_source.pdbx_synchrotron_site       ? 
_diffrn_source.pdbx_synchrotron_beamline   ? 
_diffrn_source.pdbx_wavelength             ? 
_diffrn_source.pdbx_wavelength_list        ? 
# 
_reflns.entry_id                     1D24 
_reflns.observed_criterion_sigma_I   0.000 
_reflns.observed_criterion_sigma_F   ? 
_reflns.d_resolution_low             ? 
_reflns.d_resolution_high            1.900 
_reflns.number_obs                   1246 
_reflns.number_all                   1597 
_reflns.percent_possible_obs         ? 
_reflns.pdbx_Rmerge_I_obs            0.0693 
_reflns.pdbx_Rsym_value              ? 
_reflns.pdbx_netI_over_sigmaI        ? 
_reflns.B_iso_Wilson_estimate        ? 
_reflns.pdbx_redundancy              ? 
_reflns.pdbx_diffrn_id               1 
_reflns.pdbx_ordinal                 1 
# 
_refine.entry_id                                 1D24 
_refine.ls_number_reflns_obs                     1217 
_refine.ls_number_reflns_all                     ? 
_refine.pdbx_ls_sigma_I                          ? 
_refine.pdbx_ls_sigma_F                          ? 
_refine.pdbx_data_cutoff_high_absF               ? 
_refine.pdbx_data_cutoff_low_absF                ? 
_refine.pdbx_data_cutoff_high_rms_absF           ? 
_refine.ls_d_res_low                             8.000 
_refine.ls_d_res_high                            1.900 
_refine.ls_percent_reflns_obs                    ? 
_refine.ls_R_factor_obs                          0.19 
_refine.ls_R_factor_all                          ? 
_refine.ls_R_factor_R_work                       ? 
_refine.ls_R_factor_R_free                       ? 
_refine.ls_R_factor_R_free_error                 ? 
_refine.ls_R_factor_R_free_error_details         ? 
_refine.ls_percent_reflns_R_free                 ? 
_refine.ls_number_reflns_R_free                  ? 
_refine.ls_number_parameters                     ? 
_refine.ls_number_restraints                     ? 
_refine.occupancy_min                            ? 
_refine.occupancy_max                            ? 
_refine.B_iso_mean                               ? 
_refine.aniso_B[1][1]                            ? 
_refine.aniso_B[2][2]                            ? 
_refine.aniso_B[3][3]                            ? 
_refine.aniso_B[1][2]                            ? 
_refine.aniso_B[1][3]                            ? 
_refine.aniso_B[2][3]                            ? 
_refine.solvent_model_details                    ? 
_refine.solvent_model_param_ksol                 ? 
_refine.solvent_model_param_bsol                 ? 
_refine.pdbx_ls_cross_valid_method               ? 
_refine.details                                  ? 
_refine.pdbx_starting_model                      ? 
_refine.pdbx_method_to_determine_struct          ? 
_refine.pdbx_isotropic_thermal_model             ? 
_refine.pdbx_stereochemistry_target_values       ? 
_refine.pdbx_stereochem_target_val_spec_case     ? 
_refine.pdbx_R_Free_selection_details            ? 
_refine.pdbx_overall_ESU_R                       ? 
_refine.pdbx_overall_ESU_R_Free                  ? 
_refine.overall_SU_ML                            ? 
_refine.overall_SU_B                             ? 
_refine.pdbx_refine_id                           'X-RAY DIFFRACTION' 
_refine.pdbx_diffrn_id                           1 
_refine.pdbx_TLS_residual_ADP_flag               ? 
_refine.correlation_coeff_Fo_to_Fc               ? 
_refine.correlation_coeff_Fo_to_Fc_free          ? 
_refine.pdbx_solvent_vdw_probe_radii             ? 
_refine.pdbx_solvent_ion_probe_radii             ? 
_refine.pdbx_solvent_shrinkage_radii             ? 
_refine.pdbx_overall_phase_error                 ? 
_refine.overall_SU_R_Cruickshank_DPI             ? 
_refine.pdbx_overall_SU_R_free_Cruickshank_DPI   ? 
_refine.pdbx_overall_SU_R_Blow_DPI               ? 
_refine.pdbx_overall_SU_R_free_Blow_DPI          ? 
# 
_refine_hist.pdbx_refine_id                   'X-RAY DIFFRACTION' 
_refine_hist.cycle_id                         LAST 
_refine_hist.pdbx_number_atoms_protein        0 
_refine_hist.pdbx_number_atoms_nucleic_acid   240 
_refine_hist.pdbx_number_atoms_ligand         2 
_refine_hist.number_atoms_solvent             60 
_refine_hist.number_atoms_total               302 
_refine_hist.d_res_high                       1.900 
_refine_hist.d_res_low                        8.000 
# 
loop_
_refine_ls_restr.type 
_refine_ls_restr.dev_ideal 
_refine_ls_restr.dev_ideal_target 
_refine_ls_restr.weight 
_refine_ls_restr.number 
_refine_ls_restr.pdbx_refine_id 
_refine_ls_restr.pdbx_restraint_function 
n_bond_d               ?     ? ? ? 'X-RAY DIFFRACTION' ? 
n_angle_d              ?     ? ? ? 'X-RAY DIFFRACTION' ? 
n_planar_d             ?     ? ? ? 'X-RAY DIFFRACTION' ? 
n_hb_or_metal_coord    ?     ? ? ? 'X-RAY DIFFRACTION' ? 
n_sugar_bond_it        ?     ? ? ? 'X-RAY DIFFRACTION' ? 
n_sugar_angle_it       ?     ? ? ? 'X-RAY DIFFRACTION' ? 
n_phos_bond_it         ?     ? ? ? 'X-RAY DIFFRACTION' ? 
n_phos_angle_it        ?     ? ? ? 'X-RAY DIFFRACTION' ? 
n_bond_angle_restr     ?     ? ? ? 'X-RAY DIFFRACTION' ? 
n_dihedral_angle_restr ?     ? ? ? 'X-RAY DIFFRACTION' ? 
n_impr_tor             ?     ? ? ? 'X-RAY DIFFRACTION' ? 
n_sugar_bond_d         0.014 ? ? ? 'X-RAY DIFFRACTION' ? 
n_sugar_bond_angle_d   0.027 ? ? ? 'X-RAY DIFFRACTION' ? 
n_phos_bond_d          0.051 ? ? ? 'X-RAY DIFFRACTION' ? 
n_phos_bond_angle_d    0.048 ? ? ? 'X-RAY DIFFRACTION' ? 
n_plane_restr          ?     ? ? ? 'X-RAY DIFFRACTION' ? 
n_chiral_restr         ?     ? ? ? 'X-RAY DIFFRACTION' ? 
n_singtor_nbd          ?     ? ? ? 'X-RAY DIFFRACTION' ? 
n_multtor_nbd          ?     ? ? ? 'X-RAY DIFFRACTION' ? 
n_xhyhbond_nbd         ?     ? ? ? 'X-RAY DIFFRACTION' ? 
# 
_struct.entry_id                  1D24 
_struct.title                     
'CRYSTAL AND MOLECULAR STRUCTURE OF A DNA DUPLEX CONTAINING THE CARCINOGENIC LESION O6-METHYLGUANINE' 
_struct.pdbx_model_details        ? 
_struct.pdbx_CASP_flag            ? 
_struct.pdbx_model_type_details   ? 
# 
_struct_keywords.entry_id        1D24 
_struct_keywords.pdbx_keywords   DNA 
_struct_keywords.text            'Z-DNA, DOUBLE HELIX, MODIFIED, DNA' 
# 
loop_
_struct_asym.id 
_struct_asym.pdbx_blank_PDB_chainid_flag 
_struct_asym.pdbx_modified 
_struct_asym.entity_id 
_struct_asym.details 
A N N 1 ? 
B N N 1 ? 
C N N 2 ? 
D N N 2 ? 
# 
_struct_ref.id                         1 
_struct_ref.entity_id                  1 
_struct_ref.db_name                    PDB 
_struct_ref.db_code                    1D24 
_struct_ref.pdbx_db_accession          1D24 
_struct_ref.pdbx_db_isoform            ? 
_struct_ref.pdbx_seq_one_letter_code   ? 
_struct_ref.pdbx_align_begin           ? 
# 
loop_
_struct_ref_seq.align_id 
_struct_ref_seq.ref_id 
_struct_ref_seq.pdbx_PDB_id_code 
_struct_ref_seq.pdbx_strand_id 
_struct_ref_seq.seq_align_beg 
_struct_ref_seq.pdbx_seq_align_beg_ins_code 
_struct_ref_seq.seq_align_end 
_struct_ref_seq.pdbx_seq_align_end_ins_code 
_struct_ref_seq.pdbx_db_accession 
_struct_ref_seq.db_align_beg 
_struct_ref_seq.pdbx_db_align_beg_ins_code 
_struct_ref_seq.db_align_end 
_struct_ref_seq.pdbx_db_align_end_ins_code 
_struct_ref_seq.pdbx_auth_seq_align_beg 
_struct_ref_seq.pdbx_auth_seq_align_end 
1 1 1D24 A 1 ? 6 ? 1D24 1 ? 6  ? 1 6  
2 1 1D24 B 1 ? 6 ? 1D24 7 ? 12 ? 7 12 
# 
_pdbx_struct_assembly.id                   1 
_pdbx_struct_assembly.details              author_defined_assembly 
_pdbx_struct_assembly.method_details       ? 
_pdbx_struct_assembly.oligomeric_details   dimeric 
_pdbx_struct_assembly.oligomeric_count     2 
# 
_pdbx_struct_assembly_gen.assembly_id       1 
_pdbx_struct_assembly_gen.oper_expression   1 
_pdbx_struct_assembly_gen.asym_id_list      A,B,C,D 
# 
_pdbx_struct_oper_list.id                   1 
_pdbx_struct_oper_list.type                 'identity operation' 
_pdbx_struct_oper_list.name                 1_555 
_pdbx_struct_oper_list.symmetry_operation   x,y,z 
_pdbx_struct_oper_list.matrix[1][1]         1.0000000000 
_pdbx_struct_oper_list.matrix[1][2]         0.0000000000 
_pdbx_struct_oper_list.matrix[1][3]         0.0000000000 
_pdbx_struct_oper_list.vector[1]            0.0000000000 
_pdbx_struct_oper_list.matrix[2][1]         0.0000000000 
_pdbx_struct_oper_list.matrix[2][2]         1.0000000000 
_pdbx_struct_oper_list.matrix[2][3]         0.0000000000 
_pdbx_struct_oper_list.vector[2]            0.0000000000 
_pdbx_struct_oper_list.matrix[3][1]         0.0000000000 
_pdbx_struct_oper_list.matrix[3][2]         0.0000000000 
_pdbx_struct_oper_list.matrix[3][3]         1.0000000000 
_pdbx_struct_oper_list.vector[3]            0.0000000000 
# 
_struct_biol.id   1 
# 
loop_
_struct_conn.id 
_struct_conn.conn_type_id 
_struct_conn.pdbx_leaving_atom_flag 
_struct_conn.pdbx_PDB_id 
_struct_conn.ptnr1_label_asym_id 
_struct_conn.ptnr1_label_comp_id 
_struct_conn.ptnr1_label_seq_id 
_struct_conn.ptnr1_label_atom_id 
_struct_conn.pdbx_ptnr1_label_alt_id 
_struct_conn.pdbx_ptnr1_PDB_ins_code 
_struct_conn.pdbx_ptnr1_standard_comp_id 
_struct_conn.ptnr1_symmetry 
_struct_conn.ptnr2_label_asym_id 
_struct_conn.ptnr2_label_comp_id 
_struct_conn.ptnr2_label_seq_id 
_struct_conn.ptnr2_label_atom_id 
_struct_conn.pdbx_ptnr2_label_alt_id 
_struct_conn.pdbx_ptnr2_PDB_ins_code 
_struct_conn.ptnr1_auth_asym_id 
_struct_conn.ptnr1_auth_comp_id 
_struct_conn.ptnr1_auth_seq_id 
_struct_conn.ptnr2_auth_asym_id 
_struct_conn.ptnr2_auth_comp_id 
_struct_conn.ptnr2_auth_seq_id 
_struct_conn.ptnr2_symmetry 
_struct_conn.pdbx_ptnr3_label_atom_id 
_struct_conn.pdbx_ptnr3_label_seq_id 
_struct_conn.pdbx_ptnr3_label_comp_id 
_struct_conn.pdbx_ptnr3_label_asym_id 
_struct_conn.pdbx_ptnr3_label_alt_id 
_struct_conn.pdbx_ptnr3_PDB_ins_code 
_struct_conn.details 
_struct_conn.pdbx_dist_value 
_struct_conn.pdbx_value_order 
_struct_conn.pdbx_role 
covale1  covale both ? A DC  3 "O3'" ? ? ? 1_555 A 6OG 4 P  ? ? A DC  3  A 6OG 4  1_555 ? ? ? ? ? ? ?            1.680 ? ? 
covale2  covale one  ? A 6OG 4 "O3'" ? ? ? 1_555 A DC  5 P  ? ? A 6OG 4  A DC  5  1_555 ? ? ? ? ? ? ?            1.541 ? ? 
covale3  covale both ? B DC  3 "O3'" ? ? ? 1_555 B 6OG 4 P  ? ? B DC  9  B 6OG 10 1_555 ? ? ? ? ? ? ?            1.681 ? ? 
covale4  covale one  ? B 6OG 4 "O3'" ? ? ? 1_555 B DC  5 P  ? ? B 6OG 10 B DC  11 1_555 ? ? ? ? ? ? ?            1.611 ? ? 
hydrog1  hydrog ?    ? A DC  1 N3    ? ? ? 1_555 B DG  6 N1 ? ? A DC  1  B DG  12 1_555 ? ? ? ? ? ? WATSON-CRICK ?     ? ? 
hydrog2  hydrog ?    ? A DC  1 N4    ? ? ? 1_555 B DG  6 O6 ? ? A DC  1  B DG  12 1_555 ? ? ? ? ? ? WATSON-CRICK ?     ? ? 
hydrog3  hydrog ?    ? A DC  1 O2    ? ? ? 1_555 B DG  6 N2 ? ? A DC  1  B DG  12 1_555 ? ? ? ? ? ? WATSON-CRICK ?     ? ? 
hydrog4  hydrog ?    ? A DG  2 N1    ? ? ? 1_555 B DC  5 N3 ? ? A DG  2  B DC  11 1_555 ? ? ? ? ? ? WATSON-CRICK ?     ? ? 
hydrog5  hydrog ?    ? A DG  2 N2    ? ? ? 1_555 B DC  5 O2 ? ? A DG  2  B DC  11 1_555 ? ? ? ? ? ? WATSON-CRICK ?     ? ? 
hydrog6  hydrog ?    ? A DG  2 O6    ? ? ? 1_555 B DC  5 N4 ? ? A DG  2  B DC  11 1_555 ? ? ? ? ? ? WATSON-CRICK ?     ? ? 
hydrog7  hydrog ?    ? A DC  3 N3    ? ? ? 1_555 B 6OG 4 N1 ? ? A DC  3  B 6OG 10 1_555 ? ? ? ? ? ? WATSON-CRICK ?     ? ? 
hydrog8  hydrog ?    ? A DC  3 N4    ? ? ? 1_555 B 6OG 4 O6 ? ? A DC  3  B 6OG 10 1_555 ? ? ? ? ? ? WATSON-CRICK ?     ? ? 
hydrog9  hydrog ?    ? A DC  3 O2    ? ? ? 1_555 B 6OG 4 N2 ? ? A DC  3  B 6OG 10 1_555 ? ? ? ? ? ? WATSON-CRICK ?     ? ? 
hydrog10 hydrog ?    ? A 6OG 4 N1    ? ? ? 1_555 B DC  3 N3 ? ? A 6OG 4  B DC  9  1_555 ? ? ? ? ? ? WATSON-CRICK ?     ? ? 
hydrog11 hydrog ?    ? A 6OG 4 N2    ? ? ? 1_555 B DC  3 O2 ? ? A 6OG 4  B DC  9  1_555 ? ? ? ? ? ? WATSON-CRICK ?     ? ? 
hydrog12 hydrog ?    ? A 6OG 4 O6    ? ? ? 1_555 B DC  3 N4 ? ? A 6OG 4  B DC  9  1_555 ? ? ? ? ? ? WATSON-CRICK ?     ? ? 
hydrog13 hydrog ?    ? A DC  5 N3    ? ? ? 1_555 B DG  2 N1 ? ? A DC  5  B DG  8  1_555 ? ? ? ? ? ? WATSON-CRICK ?     ? ? 
hydrog14 hydrog ?    ? A DC  5 N4    ? ? ? 1_555 B DG  2 O6 ? ? A DC  5  B DG  8  1_555 ? ? ? ? ? ? WATSON-CRICK ?     ? ? 
hydrog15 hydrog ?    ? A DC  5 O2    ? ? ? 1_555 B DG  2 N2 ? ? A DC  5  B DG  8  1_555 ? ? ? ? ? ? WATSON-CRICK ?     ? ? 
hydrog16 hydrog ?    ? A DG  6 N1    ? ? ? 1_555 B DC  1 N3 ? ? A DG  6  B DC  7  1_555 ? ? ? ? ? ? WATSON-CRICK ?     ? ? 
hydrog17 hydrog ?    ? A DG  6 N2    ? ? ? 1_555 B DC  1 O2 ? ? A DG  6  B DC  7  1_555 ? ? ? ? ? ? WATSON-CRICK ?     ? ? 
hydrog18 hydrog ?    ? A DG  6 O6    ? ? ? 1_555 B DC  1 N4 ? ? A DG  6  B DC  7  1_555 ? ? ? ? ? ? WATSON-CRICK ?     ? ? 
# 
loop_
_struct_conn_type.id 
_struct_conn_type.criteria 
_struct_conn_type.reference 
covale ? ? 
hydrog ? ? 
# 
_pdbx_validate_symm_contact.id                1 
_pdbx_validate_symm_contact.PDB_model_num     1 
_pdbx_validate_symm_contact.auth_atom_id_1    O 
_pdbx_validate_symm_contact.auth_asym_id_1    A 
_pdbx_validate_symm_contact.auth_comp_id_1    HOH 
_pdbx_validate_symm_contact.auth_seq_id_1     44 
_pdbx_validate_symm_contact.PDB_ins_code_1    ? 
_pdbx_validate_symm_contact.label_alt_id_1    ? 
_pdbx_validate_symm_contact.site_symmetry_1   1_555 
_pdbx_validate_symm_contact.auth_atom_id_2    O 
_pdbx_validate_symm_contact.auth_asym_id_2    A 
_pdbx_validate_symm_contact.auth_comp_id_2    HOH 
_pdbx_validate_symm_contact.auth_seq_id_2     45 
_pdbx_validate_symm_contact.PDB_ins_code_2    ? 
_pdbx_validate_symm_contact.label_alt_id_2    ? 
_pdbx_validate_symm_contact.site_symmetry_2   4_465 
_pdbx_validate_symm_contact.dist              2.12 
# 
loop_
_pdbx_validate_rmsd_bond.id 
_pdbx_validate_rmsd_bond.PDB_model_num 
_pdbx_validate_rmsd_bond.auth_atom_id_1 
_pdbx_validate_rmsd_bond.auth_asym_id_1 
_pdbx_validate_rmsd_bond.auth_comp_id_1 
_pdbx_validate_rmsd_bond.auth_seq_id_1 
_pdbx_validate_rmsd_bond.PDB_ins_code_1 
_pdbx_validate_rmsd_bond.label_alt_id_1 
_pdbx_validate_rmsd_bond.auth_atom_id_2 
_pdbx_validate_rmsd_bond.auth_asym_id_2 
_pdbx_validate_rmsd_bond.auth_comp_id_2 
_pdbx_validate_rmsd_bond.auth_seq_id_2 
_pdbx_validate_rmsd_bond.PDB_ins_code_2 
_pdbx_validate_rmsd_bond.label_alt_id_2 
_pdbx_validate_rmsd_bond.bond_value 
_pdbx_validate_rmsd_bond.bond_target_value 
_pdbx_validate_rmsd_bond.bond_deviation 
_pdbx_validate_rmsd_bond.bond_standard_deviation 
_pdbx_validate_rmsd_bond.linker_flag 
1 1 P     A DC 3 ? ? "O5'" A DC  3  ? ? 1.707 1.593 0.114 0.010 N 
2 1 "O3'" A DC 3 ? ? P     A 6OG 4  ? ? 1.680 1.607 0.073 0.012 Y 
3 1 C5    A DG 6 ? ? N7    A DG  6  ? ? 1.428 1.388 0.040 0.006 N 
4 1 P     B DC 9 ? ? OP1   B DC  9  ? ? 1.613 1.485 0.128 0.017 N 
5 1 "O3'" B DC 9 ? ? P     B 6OG 10 ? ? 1.681 1.607 0.074 0.012 Y 
# 
loop_
_pdbx_validate_rmsd_angle.id 
_pdbx_validate_rmsd_angle.PDB_model_num 
_pdbx_validate_rmsd_angle.auth_atom_id_1 
_pdbx_validate_rmsd_angle.auth_asym_id_1 
_pdbx_validate_rmsd_angle.auth_comp_id_1 
_pdbx_validate_rmsd_angle.auth_seq_id_1 
_pdbx_validate_rmsd_angle.PDB_ins_code_1 
_pdbx_validate_rmsd_angle.label_alt_id_1 
_pdbx_validate_rmsd_angle.auth_atom_id_2 
_pdbx_validate_rmsd_angle.auth_asym_id_2 
_pdbx_validate_rmsd_angle.auth_comp_id_2 
_pdbx_validate_rmsd_angle.auth_seq_id_2 
_pdbx_validate_rmsd_angle.PDB_ins_code_2 
_pdbx_validate_rmsd_angle.label_alt_id_2 
_pdbx_validate_rmsd_angle.auth_atom_id_3 
_pdbx_validate_rmsd_angle.auth_asym_id_3 
_pdbx_validate_rmsd_angle.auth_comp_id_3 
_pdbx_validate_rmsd_angle.auth_seq_id_3 
_pdbx_validate_rmsd_angle.PDB_ins_code_3 
_pdbx_validate_rmsd_angle.label_alt_id_3 
_pdbx_validate_rmsd_angle.angle_value 
_pdbx_validate_rmsd_angle.angle_target_value 
_pdbx_validate_rmsd_angle.angle_deviation 
_pdbx_validate_rmsd_angle.angle_standard_deviation 
_pdbx_validate_rmsd_angle.linker_flag 
1  1 "O5'" A DC  1  ? ? "C5'" A DC 1  ? ? "C4'" A DC  1  ? ? 103.81 109.40 -5.59  0.80 N 
2  1 "O4'" A DC  1  ? ? "C1'" A DC 1  ? ? N1    A DC  1  ? ? 110.68 108.30 2.38   0.30 N 
3  1 N3    A DC  1  ? ? C4    A DC 1  ? ? C5    A DC  1  ? ? 118.64 121.90 -3.26  0.40 N 
4  1 C6    A DG  2  ? ? N1    A DG 2  ? ? C2    A DG  2  ? ? 120.58 125.10 -4.52  0.60 N 
5  1 C5    A DG  2  ? ? C6    A DG 2  ? ? N1    A DG  2  ? ? 115.75 111.50 4.25   0.50 N 
6  1 "O3'" A DG  2  ? ? P     A DC 3  ? ? "O5'" A DC  3  ? ? 91.19  104.00 -12.81 1.90 Y 
7  1 "O5'" A DC  3  ? ? "C5'" A DC 3  ? ? "C4'" A DC  3  ? ? 103.71 109.40 -5.69  0.80 N 
8  1 "C3'" A DC  3  ? ? "O3'" A DC 3  ? ? P     A 6OG 4  ? ? 112.49 119.70 -7.21  1.20 Y 
9  1 "O4'" A DC  5  ? ? "C1'" A DC 5  ? ? N1    A DC  5  ? ? 111.32 108.30 3.02   0.30 N 
10 1 N3    A DC  5  ? ? C4    A DC 5  ? ? C5    A DC  5  ? ? 119.38 121.90 -2.52  0.40 N 
11 1 C5    A DC  5  ? ? C4    A DC 5  ? ? N4    A DC  5  ? ? 125.30 120.20 5.10   0.70 N 
12 1 "O3'" A DC  5  ? ? P     A DG 6  ? ? OP1   A DG  6  ? ? 124.05 110.50 13.55  1.10 Y 
13 1 OP1   A DG  6  ? ? P     A DG 6  ? ? OP2   A DG  6  ? ? 110.57 119.60 -9.03  1.50 N 
14 1 "O4'" B DC  7  ? ? "C1'" B DC 7  ? ? N1    B DC  7  ? ? 111.52 108.30 3.22   0.30 N 
15 1 "O5'" B DG  8  ? ? "C5'" B DG 8  ? ? "C4'" B DG  8  ? ? 103.75 109.40 -5.65  0.80 N 
16 1 P     B DG  8  ? ? "O5'" B DG 8  ? ? "C5'" B DG  8  ? ? 105.73 120.90 -15.17 1.60 N 
17 1 C5    B DG  8  ? ? C6    B DG 8  ? ? N1    B DG  8  ? ? 114.92 111.50 3.42   0.50 N 
18 1 C5    B DG  8  ? ? C6    B DG 8  ? ? O6    B DG  8  ? ? 122.95 128.60 -5.65  0.60 N 
19 1 OP1   B DC  9  ? ? P     B DC 9  ? ? OP2   B DC  9  ? ? 100.17 119.60 -19.43 1.50 N 
20 1 P     B DC  9  ? ? "O5'" B DC 9  ? ? "C5'" B DC  9  ? ? 108.67 120.90 -12.23 1.60 N 
21 1 "O4'" B DC  9  ? ? "C1'" B DC 9  ? ? N1    B DC  9  ? ? 113.83 108.30 5.53   0.30 N 
22 1 C5    B DC  9  ? ? C6    B DC 9  ? ? N1    B DC  9  ? ? 124.44 121.00 3.44   0.50 N 
23 1 "O3'" B 6OG 10 ? ? P     B DC 11 ? ? OP1   B DC  11 ? ? 118.17 110.50 7.67   1.10 Y 
24 1 OP1   B DC  11 ? ? P     B DC 11 ? ? OP2   B DC  11 ? ? 107.41 119.60 -12.19 1.50 N 
25 1 "O5'" B DG  12 ? ? "C5'" B DG 12 ? ? "C4'" B DG  12 ? ? 103.10 109.40 -6.30  0.80 N 
26 1 "O4'" B DG  12 ? ? "C1'" B DG 12 ? ? N9    B DG  12 ? ? 112.26 108.30 3.96   0.30 N 
27 1 C5    B DG  12 ? ? C6    B DG 12 ? ? N1    B DG  12 ? ? 114.91 111.50 3.41   0.50 N 
28 1 C5    B DG  12 ? ? C6    B DG 12 ? ? O6    B DG  12 ? ? 124.93 128.60 -3.67  0.60 N 
# 
loop_
_pdbx_struct_mod_residue.id 
_pdbx_struct_mod_residue.label_asym_id 
_pdbx_struct_mod_residue.label_comp_id 
_pdbx_struct_mod_residue.label_seq_id 
_pdbx_struct_mod_residue.auth_asym_id 
_pdbx_struct_mod_residue.auth_comp_id 
_pdbx_struct_mod_residue.auth_seq_id 
_pdbx_struct_mod_residue.PDB_ins_code 
_pdbx_struct_mod_residue.parent_comp_id 
_pdbx_struct_mod_residue.details 
1 A 6OG 4 A 6OG 4  ? DG 
;6-O-METHYL GUANOSINE-5'-MONOPHOSPHATE
;
2 B 6OG 4 B 6OG 10 ? DG 
;6-O-METHYL GUANOSINE-5'-MONOPHOSPHATE
;
# 
loop_
_refine_B_iso.class 
_refine_B_iso.details 
_refine_B_iso.treatment 
_refine_B_iso.pdbx_refine_id 
'ALL ATOMS'  TR isotropic 'X-RAY DIFFRACTION' 
'ALL WATERS' TR isotropic 'X-RAY DIFFRACTION' 
# 
loop_
_refine_occupancy.class 
_refine_occupancy.treatment 
_refine_occupancy.pdbx_refine_id 
'ALL ATOMS'  fix 'X-RAY DIFFRACTION' 
'ALL WATERS' fix 'X-RAY DIFFRACTION' 
# 
loop_
_chem_comp_atom.comp_id 
_chem_comp_atom.atom_id 
_chem_comp_atom.type_symbol 
_chem_comp_atom.pdbx_aromatic_flag 
_chem_comp_atom.pdbx_stereo_config 
_chem_comp_atom.pdbx_ordinal 
6OG P      P N N 1   
6OG OP1    O N N 2   
6OG OP2    O N N 3   
6OG "O5'"  O N N 4   
6OG N9     N Y N 5   
6OG C4     C Y N 6   
6OG N3     N Y N 7   
6OG C2     C Y N 8   
6OG N2     N N N 9   
6OG N1     N Y N 10  
6OG C6     C Y N 11  
6OG O6     O N N 12  
6OG C5     C Y N 13  
6OG N7     N Y N 14  
6OG C8     C Y N 15  
6OG "C2'"  C N N 16  
6OG "C5'"  C N N 17  
6OG "C4'"  C N R 18  
6OG "O4'"  O N N 19  
6OG "C1'"  C N R 20  
6OG "C3'"  C N S 21  
6OG "O3'"  O N N 22  
6OG C      C N N 23  
6OG HOP2   H N N 24  
6OG HN21   H N N 25  
6OG HN22   H N N 26  
6OG H8     H N N 27  
6OG "H2'"  H N N 28  
6OG "H2''" H N N 29  
6OG "H5'"  H N N 30  
6OG "H5''" H N N 31  
6OG "H4'"  H N N 32  
6OG "H1'"  H N N 33  
6OG "H3'"  H N N 34  
6OG "HO3'" H N N 35  
6OG H1     H N N 36  
6OG H2     H N N 37  
6OG H3     H N N 38  
6OG OP3    O N N 39  
6OG HOP3   H N N 40  
DC  OP3    O N N 41  
DC  P      P N N 42  
DC  OP1    O N N 43  
DC  OP2    O N N 44  
DC  "O5'"  O N N 45  
DC  "C5'"  C N N 46  
DC  "C4'"  C N R 47  
DC  "O4'"  O N N 48  
DC  "C3'"  C N S 49  
DC  "O3'"  O N N 50  
DC  "C2'"  C N N 51  
DC  "C1'"  C N R 52  
DC  N1     N N N 53  
DC  C2     C N N 54  
DC  O2     O N N 55  
DC  N3     N N N 56  
DC  C4     C N N 57  
DC  N4     N N N 58  
DC  C5     C N N 59  
DC  C6     C N N 60  
DC  HOP3   H N N 61  
DC  HOP2   H N N 62  
DC  "H5'"  H N N 63  
DC  "H5''" H N N 64  
DC  "H4'"  H N N 65  
DC  "H3'"  H N N 66  
DC  "HO3'" H N N 67  
DC  "H2'"  H N N 68  
DC  "H2''" H N N 69  
DC  "H1'"  H N N 70  
DC  H41    H N N 71  
DC  H42    H N N 72  
DC  H5     H N N 73  
DC  H6     H N N 74  
DG  OP3    O N N 75  
DG  P      P N N 76  
DG  OP1    O N N 77  
DG  OP2    O N N 78  
DG  "O5'"  O N N 79  
DG  "C5'"  C N N 80  
DG  "C4'"  C N R 81  
DG  "O4'"  O N N 82  
DG  "C3'"  C N S 83  
DG  "O3'"  O N N 84  
DG  "C2'"  C N N 85  
DG  "C1'"  C N R 86  
DG  N9     N Y N 87  
DG  C8     C Y N 88  
DG  N7     N Y N 89  
DG  C5     C Y N 90  
DG  C6     C N N 91  
DG  O6     O N N 92  
DG  N1     N N N 93  
DG  C2     C N N 94  
DG  N2     N N N 95  
DG  N3     N N N 96  
DG  C4     C Y N 97  
DG  HOP3   H N N 98  
DG  HOP2   H N N 99  
DG  "H5'"  H N N 100 
DG  "H5''" H N N 101 
DG  "H4'"  H N N 102 
DG  "H3'"  H N N 103 
DG  "HO3'" H N N 104 
DG  "H2'"  H N N 105 
DG  "H2''" H N N 106 
DG  "H1'"  H N N 107 
DG  H8     H N N 108 
DG  H1     H N N 109 
DG  H21    H N N 110 
DG  H22    H N N 111 
HOH O      O N N 112 
HOH H1     H N N 113 
HOH H2     H N N 114 
# 
loop_
_chem_comp_bond.comp_id 
_chem_comp_bond.atom_id_1 
_chem_comp_bond.atom_id_2 
_chem_comp_bond.value_order 
_chem_comp_bond.pdbx_aromatic_flag 
_chem_comp_bond.pdbx_stereo_config 
_chem_comp_bond.pdbx_ordinal 
6OG P     OP1    doub N N 1   
6OG P     OP2    sing N N 2   
6OG P     "O5'"  sing N N 3   
6OG OP2   HOP2   sing N N 4   
6OG "O5'" "C5'"  sing N N 5   
6OG N9    C4     sing Y N 6   
6OG N9    C8     sing Y N 7   
6OG N9    "C1'"  sing N N 8   
6OG C4    N3     sing Y N 9   
6OG C4    C5     doub Y N 10  
6OG N3    C2     doub Y N 11  
6OG C2    N2     sing N N 12  
6OG C2    N1     sing Y N 13  
6OG N2    HN21   sing N N 14  
6OG N2    HN22   sing N N 15  
6OG N1    C6     doub Y N 16  
6OG C6    O6     sing N N 17  
6OG C6    C5     sing Y N 18  
6OG O6    C      sing N N 19  
6OG C5    N7     sing Y N 20  
6OG N7    C8     doub Y N 21  
6OG C8    H8     sing N N 22  
6OG "C2'" "C1'"  sing N N 23  
6OG "C2'" "C3'"  sing N N 24  
6OG "C2'" "H2'"  sing N N 25  
6OG "C2'" "H2''" sing N N 26  
6OG "C5'" "C4'"  sing N N 27  
6OG "C5'" "H5'"  sing N N 28  
6OG "C5'" "H5''" sing N N 29  
6OG "C4'" "O4'"  sing N N 30  
6OG "C4'" "C3'"  sing N N 31  
6OG "C4'" "H4'"  sing N N 32  
6OG "O4'" "C1'"  sing N N 33  
6OG "C1'" "H1'"  sing N N 34  
6OG "C3'" "O3'"  sing N N 35  
6OG "C3'" "H3'"  sing N N 36  
6OG "O3'" "HO3'" sing N N 37  
6OG C     H1     sing N N 38  
6OG C     H2     sing N N 39  
6OG C     H3     sing N N 40  
6OG P     OP3    sing N N 41  
6OG OP3   HOP3   sing N N 42  
DC  OP3   P      sing N N 43  
DC  OP3   HOP3   sing N N 44  
DC  P     OP1    doub N N 45  
DC  P     OP2    sing N N 46  
DC  P     "O5'"  sing N N 47  
DC  OP2   HOP2   sing N N 48  
DC  "O5'" "C5'"  sing N N 49  
DC  "C5'" "C4'"  sing N N 50  
DC  "C5'" "H5'"  sing N N 51  
DC  "C5'" "H5''" sing N N 52  
DC  "C4'" "O4'"  sing N N 53  
DC  "C4'" "C3'"  sing N N 54  
DC  "C4'" "H4'"  sing N N 55  
DC  "O4'" "C1'"  sing N N 56  
DC  "C3'" "O3'"  sing N N 57  
DC  "C3'" "C2'"  sing N N 58  
DC  "C3'" "H3'"  sing N N 59  
DC  "O3'" "HO3'" sing N N 60  
DC  "C2'" "C1'"  sing N N 61  
DC  "C2'" "H2'"  sing N N 62  
DC  "C2'" "H2''" sing N N 63  
DC  "C1'" N1     sing N N 64  
DC  "C1'" "H1'"  sing N N 65  
DC  N1    C2     sing N N 66  
DC  N1    C6     sing N N 67  
DC  C2    O2     doub N N 68  
DC  C2    N3     sing N N 69  
DC  N3    C4     doub N N 70  
DC  C4    N4     sing N N 71  
DC  C4    C5     sing N N 72  
DC  N4    H41    sing N N 73  
DC  N4    H42    sing N N 74  
DC  C5    C6     doub N N 75  
DC  C5    H5     sing N N 76  
DC  C6    H6     sing N N 77  
DG  OP3   P      sing N N 78  
DG  OP3   HOP3   sing N N 79  
DG  P     OP1    doub N N 80  
DG  P     OP2    sing N N 81  
DG  P     "O5'"  sing N N 82  
DG  OP2   HOP2   sing N N 83  
DG  "O5'" "C5'"  sing N N 84  
DG  "C5'" "C4'"  sing N N 85  
DG  "C5'" "H5'"  sing N N 86  
DG  "C5'" "H5''" sing N N 87  
DG  "C4'" "O4'"  sing N N 88  
DG  "C4'" "C3'"  sing N N 89  
DG  "C4'" "H4'"  sing N N 90  
DG  "O4'" "C1'"  sing N N 91  
DG  "C3'" "O3'"  sing N N 92  
DG  "C3'" "C2'"  sing N N 93  
DG  "C3'" "H3'"  sing N N 94  
DG  "O3'" "HO3'" sing N N 95  
DG  "C2'" "C1'"  sing N N 96  
DG  "C2'" "H2'"  sing N N 97  
DG  "C2'" "H2''" sing N N 98  
DG  "C1'" N9     sing N N 99  
DG  "C1'" "H1'"  sing N N 100 
DG  N9    C8     sing Y N 101 
DG  N9    C4     sing Y N 102 
DG  C8    N7     doub Y N 103 
DG  C8    H8     sing N N 104 
DG  N7    C5     sing Y N 105 
DG  C5    C6     sing N N 106 
DG  C5    C4     doub Y N 107 
DG  C6    O6     doub N N 108 
DG  C6    N1     sing N N 109 
DG  N1    C2     sing N N 110 
DG  N1    H1     sing N N 111 
DG  C2    N2     sing N N 112 
DG  C2    N3     doub N N 113 
DG  N2    H21    sing N N 114 
DG  N2    H22    sing N N 115 
DG  N3    C4     sing N N 116 
HOH O     H1     sing N N 117 
HOH O     H2     sing N N 118 
# 
_ndb_struct_conf_na.entry_id   1D24 
_ndb_struct_conf_na.feature    'z-form double helix' 
# 
loop_
_ndb_struct_na_base_pair.model_number 
_ndb_struct_na_base_pair.i_label_asym_id 
_ndb_struct_na_base_pair.i_label_comp_id 
_ndb_struct_na_base_pair.i_label_seq_id 
_ndb_struct_na_base_pair.i_symmetry 
_ndb_struct_na_base_pair.j_label_asym_id 
_ndb_struct_na_base_pair.j_label_comp_id 
_ndb_struct_na_base_pair.j_label_seq_id 
_ndb_struct_na_base_pair.j_symmetry 
_ndb_struct_na_base_pair.shear 
_ndb_struct_na_base_pair.stretch 
_ndb_struct_na_base_pair.stagger 
_ndb_struct_na_base_pair.buckle 
_ndb_struct_na_base_pair.propeller 
_ndb_struct_na_base_pair.opening 
_ndb_struct_na_base_pair.pair_number 
_ndb_struct_na_base_pair.pair_name 
_ndb_struct_na_base_pair.i_auth_asym_id 
_ndb_struct_na_base_pair.i_auth_seq_id 
_ndb_struct_na_base_pair.i_PDB_ins_code 
_ndb_struct_na_base_pair.j_auth_asym_id 
_ndb_struct_na_base_pair.j_auth_seq_id 
_ndb_struct_na_base_pair.j_PDB_ins_code 
_ndb_struct_na_base_pair.hbond_type_28 
_ndb_struct_na_base_pair.hbond_type_12 
1 A DC  1 1_555 B DG  6 1_555 -1.017 -0.482 -0.051 8.092  -2.772 3.347 1 A_DC1:DG12_B  A 1 ? B 12 ? 19 1 
1 A DG  2 1_555 B DC  5 1_555 0.480  -0.179 -0.267 -3.567 -0.494 2.141 2 A_DG2:DC11_B  A 2 ? B 11 ? 19 1 
1 A DC  3 1_555 B 6OG 4 1_555 -0.077 -0.150 -0.294 3.871  -4.593 2.757 3 A_DC3:6OG10_B A 3 ? B 10 ? 19 1 
1 A 6OG 4 1_555 B DC  3 1_555 0.219  -0.160 0.210  4.064  -5.319 4.488 4 A_6OG4:DC9_B  A 4 ? B 9  ? 19 1 
1 A DC  5 1_555 B DG  2 1_555 -0.763 -0.322 -0.263 2.602  -1.856 2.655 5 A_DC5:DG8_B   A 5 ? B 8  ? 19 1 
1 A DG  6 1_555 B DC  1 1_555 0.491  -0.286 0.337  2.360  5.999  5.806 6 A_DG6:DC7_B   A 6 ? B 7  ? 19 1 
# 
loop_
_ndb_struct_na_base_pair_step.model_number 
_ndb_struct_na_base_pair_step.i_label_asym_id_1 
_ndb_struct_na_base_pair_step.i_label_comp_id_1 
_ndb_struct_na_base_pair_step.i_label_seq_id_1 
_ndb_struct_na_base_pair_step.i_symmetry_1 
_ndb_struct_na_base_pair_step.j_label_asym_id_1 
_ndb_struct_na_base_pair_step.j_label_comp_id_1 
_ndb_struct_na_base_pair_step.j_label_seq_id_1 
_ndb_struct_na_base_pair_step.j_symmetry_1 
_ndb_struct_na_base_pair_step.i_label_asym_id_2 
_ndb_struct_na_base_pair_step.i_label_comp_id_2 
_ndb_struct_na_base_pair_step.i_label_seq_id_2 
_ndb_struct_na_base_pair_step.i_symmetry_2 
_ndb_struct_na_base_pair_step.j_label_asym_id_2 
_ndb_struct_na_base_pair_step.j_label_comp_id_2 
_ndb_struct_na_base_pair_step.j_label_seq_id_2 
_ndb_struct_na_base_pair_step.j_symmetry_2 
_ndb_struct_na_base_pair_step.shift 
_ndb_struct_na_base_pair_step.slide 
_ndb_struct_na_base_pair_step.rise 
_ndb_struct_na_base_pair_step.tilt 
_ndb_struct_na_base_pair_step.roll 
_ndb_struct_na_base_pair_step.twist 
_ndb_struct_na_base_pair_step.x_displacement 
_ndb_struct_na_base_pair_step.y_displacement 
_ndb_struct_na_base_pair_step.helical_rise 
_ndb_struct_na_base_pair_step.inclination 
_ndb_struct_na_base_pair_step.tip 
_ndb_struct_na_base_pair_step.helical_twist 
_ndb_struct_na_base_pair_step.step_number 
_ndb_struct_na_base_pair_step.step_name 
_ndb_struct_na_base_pair_step.i_auth_asym_id_1 
_ndb_struct_na_base_pair_step.i_auth_seq_id_1 
_ndb_struct_na_base_pair_step.i_PDB_ins_code_1 
_ndb_struct_na_base_pair_step.j_auth_asym_id_1 
_ndb_struct_na_base_pair_step.j_auth_seq_id_1 
_ndb_struct_na_base_pair_step.j_PDB_ins_code_1 
_ndb_struct_na_base_pair_step.i_auth_asym_id_2 
_ndb_struct_na_base_pair_step.i_auth_seq_id_2 
_ndb_struct_na_base_pair_step.i_PDB_ins_code_2 
_ndb_struct_na_base_pair_step.j_auth_asym_id_2 
_ndb_struct_na_base_pair_step.j_auth_seq_id_2 
_ndb_struct_na_base_pair_step.j_PDB_ins_code_2 
1 A DC  1 1_555 B DG  6 1_555 A DG  2 1_555 B DC  5 1_555 -0.201 5.356  3.730 2.157  -4.744 0.045   47.039  -3.193 -4.926 -81.476 
-37.047 5.211   1 AA_DC1DG2:DC11DG12_BB  A 1 ? B 12 ? A 2 ? B 11 ? 
1 A DG  2 1_555 B DC  5 1_555 A DC  3 1_555 B 6OG 4 1_555 -0.034 -0.932 3.341 -1.527 -3.688 -51.555 1.321   -0.143 3.270  4.233   
-1.752  -51.699 2 AA_DG2DC3:6OG10DC11_BB A 2 ? B 11 ? A 3 ? B 10 ? 
1 A DC  3 1_555 B 6OG 4 1_555 A 6OG 4 1_555 B DC  3 1_555 0.009  5.452  3.444 -2.027 -1.355 -9.084  -29.883 -4.990 4.112  8.358   
-12.506 -9.405  3 AA_DC36OG4:DC96OG10_BB A 3 ? B 10 ? A 4 ? B 9  ? 
1 A 6OG 4 1_555 B DC  3 1_555 A DC  5 1_555 B DG  2 1_555 -0.178 -1.088 3.418 2.437  -5.986 -54.246 1.558   -0.042 3.295  6.539   
2.662   -54.600 4 AA_6OG4DC5:DG8DC9_BB   A 4 ? B 9  ? A 5 ? B 8  ? 
1 A DC  5 1_555 B DG  2 1_555 A DG  6 1_555 B DC  1 1_555 0.128  5.287  3.408 0.109  2.548  -7.144  -46.291 1.240  1.434  -19.644 
0.840   -7.585  5 AA_DC5DG6:DC7DG8_BB    A 5 ? B 8  ? A 6 ? B 7  ? 
# 
_atom_sites.entry_id                    1D24 
_atom_sites.fract_transf_matrix[1][1]   0.00252604 
_atom_sites.fract_transf_matrix[1][2]   0.05082280 
_atom_sites.fract_transf_matrix[1][3]   0.02343345 
_atom_sites.fract_transf_matrix[2][1]   0.03226641 
_atom_sites.fract_transf_matrix[2][2]   -0.00028593 
_atom_sites.fract_transf_matrix[2][3]   -0.00285807 
_atom_sites.fract_transf_matrix[3][1]   -0.00173600 
_atom_sites.fract_transf_matrix[3][2]   0.00956408 
_atom_sites.fract_transf_matrix[3][3]   -0.02055557 
_atom_sites.fract_transf_vector[1]      0.718565 
_atom_sites.fract_transf_vector[2]      0.498479 
_atom_sites.fract_transf_vector[3]      0.113019 
# 
loop_
_atom_type.symbol 
C 
N 
O 
P 
# 
loop_
_atom_site.group_PDB 
_atom_site.id 
_atom_site.type_symbol 
_atom_site.label_atom_id 
_atom_site.label_alt_id 
_atom_site.label_comp_id 
_atom_site.label_asym_id 
_atom_site.label_entity_id 
_atom_site.label_seq_id 
_atom_site.pdbx_PDB_ins_code 
_atom_site.Cartn_x 
_atom_site.Cartn_y 
_atom_site.Cartn_z 
_atom_site.occupancy 
_atom_site.B_iso_or_equiv 
_atom_site.pdbx_formal_charge 
_atom_site.auth_seq_id 
_atom_site.auth_comp_id 
_atom_site.auth_asym_id 
_atom_site.auth_atom_id 
_atom_site.pdbx_PDB_model_num 
ATOM   1   O "O5'" . DC  A 1 1 ? -1.286  -8.773  6.191   1.00 7.32  ? 1  DC  A "O5'" 1 
ATOM   2   C "C5'" . DC  A 1 1 ? -0.506  -8.652  4.984   1.00 7.86  ? 1  DC  A "C5'" 1 
ATOM   3   C "C4'" . DC  A 1 1 ? 0.407   -7.456  5.259   1.00 8.35  ? 1  DC  A "C4'" 1 
ATOM   4   O "O4'" . DC  A 1 1 ? -0.359  -6.284  5.382   1.00 8.93  ? 1  DC  A "O4'" 1 
ATOM   5   C "C3'" . DC  A 1 1 ? 1.199   -7.584  6.553   1.00 8.55  ? 1  DC  A "C3'" 1 
ATOM   6   O "O3'" . DC  A 1 1 ? 2.563   -7.243  6.377   1.00 8.84  ? 1  DC  A "O3'" 1 
ATOM   7   C "C2'" . DC  A 1 1 ? 0.479   -6.643  7.538   1.00 8.83  ? 1  DC  A "C2'" 1 
ATOM   8   C "C1'" . DC  A 1 1 ? 0.004   -5.551  6.603   1.00 8.82  ? 1  DC  A "C1'" 1 
ATOM   9   N N1    . DC  A 1 1 ? -1.168  -4.889  7.175   1.00 8.94  ? 1  DC  A N1    1 
ATOM   10  C C2    . DC  A 1 1 ? -1.051  -3.757  7.959   1.00 8.78  ? 1  DC  A C2    1 
ATOM   11  O O2    . DC  A 1 1 ? 0.055   -3.282  8.180   1.00 9.66  ? 1  DC  A O2    1 
ATOM   12  N N3    . DC  A 1 1 ? -2.182  -3.186  8.462   1.00 8.98  ? 1  DC  A N3    1 
ATOM   13  C C4    . DC  A 1 1 ? -3.423  -3.693  8.189   1.00 8.78  ? 1  DC  A C4    1 
ATOM   14  N N4    . DC  A 1 1 ? -4.524  -3.133  8.679   1.00 7.94  ? 1  DC  A N4    1 
ATOM   15  C C5    . DC  A 1 1 ? -3.520  -4.858  7.378   1.00 8.64  ? 1  DC  A C5    1 
ATOM   16  C C6    . DC  A 1 1 ? -2.420  -5.420  6.908   1.00 8.38  ? 1  DC  A C6    1 
ATOM   17  P P     . DG  A 1 2 ? 3.518   -8.248  5.513   1.00 9.18  ? 2  DG  A P     1 
ATOM   18  O OP1   . DG  A 1 2 ? 3.622   -9.593  6.158   1.00 9.94  ? 2  DG  A OP1   1 
ATOM   19  O OP2   . DG  A 1 2 ? 4.816   -7.380  5.486   1.00 10.72 ? 2  DG  A OP2   1 
ATOM   20  O "O5'" . DG  A 1 2 ? 2.896   -8.264  4.055   1.00 7.57  ? 2  DG  A "O5'" 1 
ATOM   21  C "C5'" . DG  A 1 2 ? 3.781   -8.363  2.927   1.00 6.90  ? 2  DG  A "C5'" 1 
ATOM   22  C "C4'" . DG  A 1 2 ? 2.985   -8.554  1.666   1.00 6.14  ? 2  DG  A "C4'" 1 
ATOM   23  O "O4'" . DG  A 1 2 ? 1.636   -8.772  1.950   1.00 6.08  ? 2  DG  A "O4'" 1 
ATOM   24  C "C3'" . DG  A 1 2 ? 2.996   -7.323  0.748   1.00 6.48  ? 2  DG  A "C3'" 1 
ATOM   25  O "O3'" . DG  A 1 2 ? 4.167   -7.219  -0.110  1.00 6.44  ? 2  DG  A "O3'" 1 
ATOM   26  C "C2'" . DG  A 1 2 ? 1.721   -7.478  -0.053  1.00 6.28  ? 2  DG  A "C2'" 1 
ATOM   27  C "C1'" . DG  A 1 2 ? 0.830   -8.329  0.818   1.00 6.12  ? 2  DG  A "C1'" 1 
ATOM   28  N N9    . DG  A 1 2 ? -0.373  -7.679  1.338   1.00 5.85  ? 2  DG  A N9    1 
ATOM   29  C C8    . DG  A 1 2 ? -1.671  -8.197  1.222   1.00 5.59  ? 2  DG  A C8    1 
ATOM   30  N N7    . DG  A 1 2 ? -2.574  -7.440  1.802   1.00 5.88  ? 2  DG  A N7    1 
ATOM   31  C C5    . DG  A 1 2 ? -1.841  -6.374  2.343   1.00 6.17  ? 2  DG  A C5    1 
ATOM   32  C C6    . DG  A 1 2 ? -2.246  -5.240  3.084   1.00 6.13  ? 2  DG  A C6    1 
ATOM   33  O O6    . DG  A 1 2 ? -3.387  -4.933  3.431   1.00 6.88  ? 2  DG  A O6    1 
ATOM   34  N N1    . DG  A 1 2 ? -1.235  -4.376  3.459   1.00 6.07  ? 2  DG  A N1    1 
ATOM   35  C C2    . DG  A 1 2 ? 0.058   -4.641  3.135   1.00 6.66  ? 2  DG  A C2    1 
ATOM   36  N N2    . DG  A 1 2 ? 0.923   -3.718  3.569   1.00 6.32  ? 2  DG  A N2    1 
ATOM   37  N N3    . DG  A 1 2 ? 0.496   -5.689  2.415   1.00 6.18  ? 2  DG  A N3    1 
ATOM   38  C C4    . DG  A 1 2 ? -0.491  -6.523  2.072   1.00 5.97  ? 2  DG  A C4    1 
ATOM   39  P P     . DC  A 1 3 ? 5.264   -6.018  0.293   1.00 7.13  ? 3  DC  A P     1 
ATOM   40  O OP1   . DC  A 1 3 ? 6.517   -6.264  -0.438  1.00 5.99  ? 3  DC  A OP1   1 
ATOM   41  O OP2   . DC  A 1 3 ? 5.186   -5.878  1.747   1.00 7.36  ? 3  DC  A OP2   1 
ATOM   42  O "O5'" . DC  A 1 3 ? 4.267   -4.823  -0.409  1.00 6.46  ? 3  DC  A "O5'" 1 
ATOM   43  C "C5'" . DC  A 1 3 ? 5.023   -3.951  -1.299  1.00 7.18  ? 3  DC  A "C5'" 1 
ATOM   44  C "C4'" . DC  A 1 3 ? 4.554   -2.560  -0.922  1.00 8.09  ? 3  DC  A "C4'" 1 
ATOM   45  O "O4'" . DC  A 1 3 ? 3.167   -2.440  -1.271  1.00 6.38  ? 3  DC  A "O4'" 1 
ATOM   46  C "C3'" . DC  A 1 3 ? 4.691   -2.183  0.544   1.00 8.42  ? 3  DC  A "C3'" 1 
ATOM   47  O "O3'" . DC  A 1 3 ? 5.056   -0.790  0.709   1.00 9.88  ? 3  DC  A "O3'" 1 
ATOM   48  C "C2'" . DC  A 1 3 ? 3.301   -2.453  1.086   1.00 8.11  ? 3  DC  A "C2'" 1 
ATOM   49  C "C1'" . DC  A 1 3 ? 2.471   -1.986  -0.110  1.00 7.92  ? 3  DC  A "C1'" 1 
ATOM   50  N N1    . DC  A 1 3 ? 1.121   -2.589  -0.077  1.00 7.83  ? 3  DC  A N1    1 
ATOM   51  C C2    . DC  A 1 3 ? 0.136   -1.847  0.550   1.00 8.23  ? 3  DC  A C2    1 
ATOM   52  O O2    . DC  A 1 3 ? 0.411   -0.750  1.067   1.00 8.55  ? 3  DC  A O2    1 
ATOM   53  N N3    . DC  A 1 3 ? -1.110  -2.371  0.573   1.00 8.15  ? 3  DC  A N3    1 
ATOM   54  C C4    . DC  A 1 3 ? -1.401  -3.560  -0.004  1.00 8.38  ? 3  DC  A C4    1 
ATOM   55  N N4    . DC  A 1 3 ? -2.631  -4.013  0.044   1.00 8.23  ? 3  DC  A N4    1 
ATOM   56  C C5    . DC  A 1 3 ? -0.379  -4.310  -0.673  1.00 8.09  ? 3  DC  A C5    1 
ATOM   57  C C6    . DC  A 1 3 ? 0.854   -3.770  -0.688  1.00 8.00  ? 3  DC  A C6    1 
HETATM 58  P P     . 6OG A 1 4 ? 6.714   -0.574  0.870   1.00 13.89 ? 4  6OG A P     1 
HETATM 59  O OP1   . 6OG A 1 4 ? 7.209   -1.603  1.770   1.00 11.17 ? 4  6OG A OP1   1 
HETATM 60  O OP2   . 6OG A 1 4 ? 6.593   0.886   1.286   1.00 13.31 ? 4  6OG A OP2   1 
HETATM 61  O "O5'" . 6OG A 1 4 ? 7.235   -0.694  -0.666  1.00 11.30 ? 4  6OG A "O5'" 1 
HETATM 62  N N9    . 6OG A 1 4 ? 5.579   -2.148  -4.759  1.00 9.23  ? 4  6OG A N9    1 
HETATM 63  C C4    . 6OG A 1 4 ? 4.362   -1.715  -4.264  1.00 9.39  ? 4  6OG A C4    1 
HETATM 64  N N3    . 6OG A 1 4 ? 4.087   -0.542  -3.646  1.00 9.30  ? 4  6OG A N3    1 
HETATM 65  C C2    . 6OG A 1 4 ? 2.790   -0.449  -3.315  1.00 9.73  ? 4  6OG A C2    1 
HETATM 66  N N2    . 6OG A 1 4 ? 2.316   0.635   -2.687  1.00 9.16  ? 4  6OG A N2    1 
HETATM 67  N N1    . 6OG A 1 4 ? 1.832   -1.390  -3.569  1.00 9.38  ? 4  6OG A N1    1 
HETATM 68  C C6    . 6OG A 1 4 ? 2.121   -2.568  -4.209  1.00 9.87  ? 4  6OG A C6    1 
HETATM 69  O O6    . 6OG A 1 4 ? 1.099   -3.422  -4.618  1.00 9.61  ? 4  6OG A O6    1 
HETATM 70  C C5    . 6OG A 1 4 ? 3.492   -2.724  -4.573  1.00 9.77  ? 4  6OG A C5    1 
HETATM 71  N N7    . 6OG A 1 4 ? 4.140   -3.797  -5.239  1.00 9.75  ? 4  6OG A N7    1 
HETATM 72  C C8    . 6OG A 1 4 ? 5.365   -3.383  -5.295  1.00 9.80  ? 4  6OG A C8    1 
HETATM 73  C "C2'" . 6OG A 1 4 ? 6.661   -0.008  -5.216  1.00 9.32  ? 4  6OG A "C2'" 1 
HETATM 74  C "C5'" . 6OG A 1 4 ? 6.786   0.391   -1.529  1.00 10.35 ? 4  6OG A "C5'" 1 
HETATM 75  C "C4'" . 6OG A 1 4 ? 7.369   0.029   -2.889  1.00 9.24  ? 4  6OG A "C4'" 1 
HETATM 76  O "O4'" . 6OG A 1 4 ? 7.052   -1.285  -3.222  1.00 8.58  ? 4  6OG A "O4'" 1 
HETATM 77  C "C1'" . 6OG A 1 4 ? 6.843   -1.405  -4.632  1.00 9.48  ? 4  6OG A "C1'" 1 
HETATM 78  C "C3'" . 6OG A 1 4 ? 6.859   0.895   -4.015  1.00 9.06  ? 4  6OG A "C3'" 1 
HETATM 79  O "O3'" . 6OG A 1 4 ? 7.823   1.940   -4.282  1.00 8.88  ? 4  6OG A "O3'" 1 
HETATM 80  C C     . 6OG A 1 4 ? 0.903   -4.738  -4.133  1.00 11.07 ? 4  6OG A C     1 
ATOM   81  P P     . DC  A 1 5 ? 7.593   3.064   -5.310  1.00 9.62  ? 5  DC  A P     1 
ATOM   82  O OP1   . DC  A 1 5 ? 7.783   2.653   -6.738  1.00 9.31  ? 5  DC  A OP1   1 
ATOM   83  O OP2   . DC  A 1 5 ? 8.682   4.086   -4.839  1.00 9.17  ? 5  DC  A OP2   1 
ATOM   84  O "O5'" . DC  A 1 5 ? 6.126   3.711   -5.037  1.00 7.49  ? 5  DC  A "O5'" 1 
ATOM   85  C "C5'" . DC  A 1 5 ? 5.887   5.107   -5.359  1.00 7.51  ? 5  DC  A "C5'" 1 
ATOM   86  C "C4'" . DC  A 1 5 ? 4.377   5.267   -5.356  1.00 6.52  ? 5  DC  A "C4'" 1 
ATOM   87  O "O4'" . DC  A 1 5 ? 3.800   4.302   -6.209  1.00 6.15  ? 5  DC  A "O4'" 1 
ATOM   88  C "C3'" . DC  A 1 5 ? 3.720   5.085   -4.004  1.00 7.15  ? 5  DC  A "C3'" 1 
ATOM   89  O "O3'" . DC  A 1 5 ? 2.825   6.149   -3.691  1.00 6.86  ? 5  DC  A "O3'" 1 
ATOM   90  C "C2'" . DC  A 1 5 ? 3.063   3.707   -4.079  1.00 5.84  ? 5  DC  A "C2'" 1 
ATOM   91  C "C1'" . DC  A 1 5 ? 2.786   3.555   -5.542  1.00 5.51  ? 5  DC  A "C1'" 1 
ATOM   92  N N1    . DC  A 1 5 ? 2.747   2.154   -6.020  1.00 5.51  ? 5  DC  A N1    1 
ATOM   93  C C2    . DC  A 1 5 ? 1.456   1.567   -5.985  1.00 5.01  ? 5  DC  A C2    1 
ATOM   94  O O2    . DC  A 1 5 ? 0.508   2.176   -5.577  1.00 4.46  ? 5  DC  A O2    1 
ATOM   95  N N3    . DC  A 1 5 ? 1.333   0.294   -6.407  1.00 5.51  ? 5  DC  A N3    1 
ATOM   96  C C4    . DC  A 1 5 ? 2.393   -0.433  -6.883  1.00 5.72  ? 5  DC  A C4    1 
ATOM   97  N N4    . DC  A 1 5 ? 2.103   -1.686  -7.271  1.00 6.29  ? 5  DC  A N4    1 
ATOM   98  C C5    . DC  A 1 5 ? 3.662   0.157   -6.939  1.00 5.15  ? 5  DC  A C5    1 
ATOM   99  C C6    . DC  A 1 5 ? 3.796   1.430   -6.494  1.00 5.60  ? 5  DC  A C6    1 
ATOM   100 P P     . DG  A 1 6 ? 3.335   7.522   -2.969  1.00 10.09 ? 6  DG  A P     1 
ATOM   101 O OP1   . DG  A 1 6 ? 3.814   7.589   -1.626  1.00 10.43 ? 6  DG  A OP1   1 
ATOM   102 O OP2   . DG  A 1 6 ? 1.966   8.265   -3.102  1.00 9.82  ? 6  DG  A OP2   1 
ATOM   103 O "O5'" . DG  A 1 6 ? 4.476   8.078   -4.018  1.00 7.70  ? 6  DG  A "O5'" 1 
ATOM   104 C "C5'" . DG  A 1 6 ? 3.935   9.022   -4.974  1.00 6.47  ? 6  DG  A "C5'" 1 
ATOM   105 C "C4'" . DG  A 1 6 ? 5.100   9.617   -5.749  1.00 5.70  ? 6  DG  A "C4'" 1 
ATOM   106 O "O4'" . DG  A 1 6 ? 5.838   8.587   -6.363  1.00 5.18  ? 6  DG  A "O4'" 1 
ATOM   107 C "C3'" . DG  A 1 6 ? 4.606   10.547  -6.860  1.00 5.56  ? 6  DG  A "C3'" 1 
ATOM   108 O "O3'" . DG  A 1 6 ? 5.512   11.603  -7.204  1.00 6.17  ? 6  DG  A "O3'" 1 
ATOM   109 C "C2'" . DG  A 1 6 ? 4.418   9.517   -8.004  1.00 5.10  ? 6  DG  A "C2'" 1 
ATOM   110 C "C1'" . DG  A 1 6 ? 5.684   8.715   -7.804  1.00 4.80  ? 6  DG  A "C1'" 1 
ATOM   111 N N9    . DG  A 1 6 ? 5.626   7.399   -8.406  1.00 4.23  ? 6  DG  A N9    1 
ATOM   112 C C8    . DG  A 1 6 ? 6.680   6.740   -9.030  1.00 2.99  ? 6  DG  A C8    1 
ATOM   113 N N7    . DG  A 1 6 ? 6.350   5.577   -9.485  1.00 3.01  ? 6  DG  A N7    1 
ATOM   114 C C5    . DG  A 1 6 ? 4.974   5.433   -9.135  1.00 3.08  ? 6  DG  A C5    1 
ATOM   115 C C6    . DG  A 1 6 ? 4.074   4.376   -9.385  1.00 2.92  ? 6  DG  A C6    1 
ATOM   116 O O6    . DG  A 1 6 ? 4.314   3.317   -9.932  1.00 1.67  ? 6  DG  A O6    1 
ATOM   117 N N1    . DG  A 1 6 ? 2.800   4.609   -8.921  1.00 3.69  ? 6  DG  A N1    1 
ATOM   118 C C2    . DG  A 1 6 ? 2.458   5.773   -8.282  1.00 3.21  ? 6  DG  A C2    1 
ATOM   119 N N2    . DG  A 1 6 ? 1.173   5.785   -7.914  1.00 3.82  ? 6  DG  A N2    1 
ATOM   120 N N3    . DG  A 1 6 ? 3.287   6.764   -8.047  1.00 4.00  ? 6  DG  A N3    1 
ATOM   121 C C4    . DG  A 1 6 ? 4.522   6.549   -8.499  1.00 3.58  ? 6  DG  A C4    1 
ATOM   122 O "O5'" . DC  B 1 1 ? -3.813  -0.968  -10.909 1.00 5.30  ? 7  DC  B "O5'" 1 
ATOM   123 C "C5'" . DC  B 1 1 ? -4.892  -0.682  -9.959  1.00 4.35  ? 7  DC  B "C5'" 1 
ATOM   124 C "C4'" . DC  B 1 1 ? -4.418  0.445   -9.066  1.00 5.11  ? 7  DC  B "C4'" 1 
ATOM   125 O "O4'" . DC  B 1 1 ? -3.026  0.339   -8.693  1.00 4.34  ? 7  DC  B "O4'" 1 
ATOM   126 C "C3'" . DC  B 1 1 ? -4.574  1.826   -9.709  1.00 4.69  ? 7  DC  B "C3'" 1 
ATOM   127 O "O3'" . DC  B 1 1 ? -5.118  2.749   -8.763  1.00 4.50  ? 7  DC  B "O3'" 1 
ATOM   128 C "C2'" . DC  B 1 1 ? -3.152  2.166   -10.129 1.00 4.78  ? 7  DC  B "C2'" 1 
ATOM   129 C "C1'" . DC  B 1 1 ? -2.355  1.581   -8.970  1.00 3.61  ? 7  DC  B "C1'" 1 
ATOM   130 N N1    . DC  B 1 1 ? -0.945  1.367   -9.305  1.00 3.03  ? 7  DC  B N1    1 
ATOM   131 C C2    . DC  B 1 1 ? -0.041  2.397   -9.033  1.00 3.07  ? 7  DC  B C2    1 
ATOM   132 O O2    . DC  B 1 1 ? -0.463  3.457   -8.549  1.00 2.57  ? 7  DC  B O2    1 
ATOM   133 N N3    . DC  B 1 1 ? 1.276   2.200   -9.339  1.00 1.90  ? 7  DC  B N3    1 
ATOM   134 C C4    . DC  B 1 1 ? 1.719   1.020   -9.881  1.00 2.59  ? 7  DC  B C4    1 
ATOM   135 N N4    . DC  B 1 1 ? 3.023   0.854   -10.200 1.00 2.46  ? 7  DC  B N4    1 
ATOM   136 C C5    . DC  B 1 1 ? 0.815   -0.033  -10.159 1.00 2.15  ? 7  DC  B C5    1 
ATOM   137 C C6    . DC  B 1 1 ? -0.478  0.182   -9.838  1.00 3.06  ? 7  DC  B C6    1 
ATOM   138 P P     . DG  B 1 2 ? -6.721  3.144   -8.880  1.00 5.01  ? 8  DG  B P     1 
ATOM   139 O OP1   . DG  B 1 2 ? -7.176  3.266   -10.288 1.00 4.72  ? 8  DG  B OP1   1 
ATOM   140 O OP2   . DG  B 1 2 ? -6.628  4.371   -8.065  1.00 5.36  ? 8  DG  B OP2   1 
ATOM   141 O "O5'" . DG  B 1 2 ? -7.346  1.829   -8.106  1.00 4.20  ? 8  DG  B "O5'" 1 
ATOM   142 C "C5'" . DG  B 1 2 ? -6.711  1.816   -6.756  1.00 5.26  ? 8  DG  B "C5'" 1 
ATOM   143 C "C4'" . DG  B 1 2 ? -7.329  0.598   -6.078  1.00 6.66  ? 8  DG  B "C4'" 1 
ATOM   144 O "O4'" . DG  B 1 2 ? -6.942  -0.525  -6.809  1.00 6.37  ? 8  DG  B "O4'" 1 
ATOM   145 C "C3'" . DG  B 1 2 ? -6.884  0.378   -4.643  1.00 6.52  ? 8  DG  B "C3'" 1 
ATOM   146 O "O3'" . DG  B 1 2 ? -7.971  0.657   -3.744  1.00 7.58  ? 8  DG  B "O3'" 1 
ATOM   147 C "C2'" . DG  B 1 2 ? -6.482  -1.075  -4.530  1.00 7.22  ? 8  DG  B "C2'" 1 
ATOM   148 C "C1'" . DG  B 1 2 ? -6.486  -1.582  -5.962  1.00 7.22  ? 8  DG  B "C1'" 1 
ATOM   149 N N9    . DG  B 1 2 ? -5.124  -1.967  -6.368  1.00 7.26  ? 8  DG  B N9    1 
ATOM   150 C C8    . DG  B 1 2 ? -4.761  -3.154  -6.936  1.00 7.77  ? 8  DG  B C8    1 
ATOM   151 N N7    . DG  B 1 2 ? -3.484  -3.252  -7.211  1.00 8.21  ? 8  DG  B N7    1 
ATOM   152 C C5    . DG  B 1 2 ? -2.977  -2.011  -6.779  1.00 8.01  ? 8  DG  B C5    1 
ATOM   153 C C6    . DG  B 1 2 ? -1.653  -1.506  -6.801  1.00 7.67  ? 8  DG  B C6    1 
ATOM   154 O O6    . DG  B 1 2 ? -0.685  -2.155  -7.250  1.00 8.11  ? 8  DG  B O6    1 
ATOM   155 N N1    . DG  B 1 2 ? -1.511  -0.243  -6.304  1.00 7.23  ? 8  DG  B N1    1 
ATOM   156 C C2    . DG  B 1 2 ? -2.584  0.458   -5.809  1.00 7.78  ? 8  DG  B C2    1 
ATOM   157 N N2    . DG  B 1 2 ? -2.312  1.694   -5.330  1.00 6.42  ? 8  DG  B N2    1 
ATOM   158 N N3    . DG  B 1 2 ? -3.853  0.031   -5.760  1.00 7.36  ? 8  DG  B N3    1 
ATOM   159 C C4    . DG  B 1 2 ? -3.980  -1.212  -6.265  1.00 7.71  ? 8  DG  B C4    1 
ATOM   160 P P     . DC  B 1 3 ? -7.817  1.690   -2.595  1.00 5.57  ? 9  DC  B P     1 
ATOM   161 O OP1   . DC  B 1 3 ? -8.962  1.514   -1.472  1.00 5.81  ? 9  DC  B OP1   1 
ATOM   162 O OP2   . DC  B 1 3 ? -8.156  3.095   -3.109  1.00 4.48  ? 9  DC  B OP2   1 
ATOM   163 O "O5'" . DC  B 1 3 ? -6.373  1.584   -1.959  1.00 5.70  ? 9  DC  B "O5'" 1 
ATOM   164 C "C5'" . DC  B 1 3 ? -6.422  2.128   -0.569  1.00 6.54  ? 9  DC  B "C5'" 1 
ATOM   165 C "C4'" . DC  B 1 3 ? -4.994  2.419   -0.189  1.00 6.93  ? 9  DC  B "C4'" 1 
ATOM   166 O "O4'" . DC  B 1 3 ? -4.182  1.274   -0.220  1.00 6.52  ? 9  DC  B "O4'" 1 
ATOM   167 C "C3'" . DC  B 1 3 ? -4.337  3.423   -1.139  1.00 7.24  ? 9  DC  B "C3'" 1 
ATOM   168 O "O3'" . DC  B 1 3 ? -3.483  4.295   -0.432  1.00 7.27  ? 9  DC  B "O3'" 1 
ATOM   169 C "C2'" . DC  B 1 3 ? -3.614  2.493   -2.115  1.00 7.07  ? 9  DC  B "C2'" 1 
ATOM   170 C "C1'" . DC  B 1 3 ? -3.047  1.469   -1.106  1.00 7.58  ? 9  DC  B "C1'" 1 
ATOM   171 N N1    . DC  B 1 3 ? -2.641  0.259   -1.821  1.00 7.20  ? 9  DC  B N1    1 
ATOM   172 C C2    . DC  B 1 3 ? -1.293  0.025   -2.082  1.00 8.16  ? 9  DC  B C2    1 
ATOM   173 O O2    . DC  B 1 3 ? -0.421  0.833   -1.727  1.00 8.14  ? 9  DC  B O2    1 
ATOM   174 N N3    . DC  B 1 3 ? -0.957  -1.114  -2.762  1.00 7.54  ? 9  DC  B N3    1 
ATOM   175 C C4    . DC  B 1 3 ? -1.884  -2.007  -3.162  1.00 7.60  ? 9  DC  B C4    1 
ATOM   176 N N4    . DC  B 1 3 ? -1.553  -3.141  -3.821  1.00 7.29  ? 9  DC  B N4    1 
ATOM   177 C C5    . DC  B 1 3 ? -3.261  -1.774  -2.884  1.00 7.67  ? 9  DC  B C5    1 
ATOM   178 C C6    . DC  B 1 3 ? -3.556  -0.648  -2.233  1.00 7.92  ? 9  DC  B C6    1 
HETATM 179 P P     . 6OG B 1 4 ? -4.125  5.683   0.264   1.00 7.23  ? 10 6OG B P     1 
HETATM 180 O OP1   . 6OG B 1 4 ? -4.832  6.329   -0.816  1.00 7.55  ? 10 6OG B OP1   1 
HETATM 181 O OP2   . 6OG B 1 4 ? -2.794  6.296   0.675   1.00 7.73  ? 10 6OG B OP2   1 
HETATM 182 O "O5'" . 6OG B 1 4 ? -4.843  5.064   1.520   1.00 7.90  ? 10 6OG B "O5'" 1 
HETATM 183 N N9    . 6OG B 1 4 ? -6.278  1.272   3.269   1.00 7.60  ? 10 6OG B N9    1 
HETATM 184 C C4    . 6OG B 1 4 ? -5.128  0.717   2.767   1.00 7.66  ? 10 6OG B C4    1 
HETATM 185 N N3    . 6OG B 1 4 ? -3.866  1.188   2.898   1.00 7.67  ? 10 6OG B N3    1 
HETATM 186 C C2    . 6OG B 1 4 ? -2.981  0.363   2.309   1.00 7.90  ? 10 6OG B C2    1 
HETATM 187 N N2    . 6OG B 1 4 ? -1.678  0.685   2.319   1.00 7.91  ? 10 6OG B N2    1 
HETATM 188 N N1    . 6OG B 1 4 ? -3.269  -0.784  1.648   1.00 7.23  ? 10 6OG B N1    1 
HETATM 189 C C6    . 6OG B 1 4 ? -4.551  -1.274  1.549   1.00 7.93  ? 10 6OG B C6    1 
HETATM 190 O O6    . 6OG B 1 4 ? -4.789  -2.523  0.900   1.00 8.14  ? 10 6OG B O6    1 
HETATM 191 C C5    . 6OG B 1 4 ? -5.540  -0.438  2.147   1.00 7.93  ? 10 6OG B C5    1 
HETATM 192 N N7    . 6OG B 1 4 ? -6.939  -0.616  2.221   1.00 7.90  ? 10 6OG B N7    1 
HETATM 193 C C8    . 6OG B 1 4 ? -7.327  0.437   2.915   1.00 7.12  ? 10 6OG B C8    1 
HETATM 194 C "C2'" . 6OG B 1 4 ? -5.395  2.504   5.167   1.00 7.84  ? 10 6OG B "C2'" 1 
HETATM 195 C "C5'" . 6OG B 1 4 ? -4.031  4.705   2.676   1.00 7.20  ? 10 6OG B "C5'" 1 
HETATM 196 C "C4'" . 6OG B 1 4 ? -5.054  4.431   3.764   1.00 8.11  ? 10 6OG B "C4'" 1 
HETATM 197 O "O4'" . 6OG B 1 4 ? -6.098  3.633   3.169   1.00 7.62  ? 10 6OG B "O4'" 1 
HETATM 198 C "C1'" . 6OG B 1 4 ? -6.383  2.532   4.020   1.00 7.50  ? 10 6OG B "C1'" 1 
HETATM 199 C "C3'" . 6OG B 1 4 ? -4.479  3.702   4.967   1.00 7.44  ? 10 6OG B "C3'" 1 
HETATM 200 O "O3'" . 6OG B 1 4 ? -4.396  4.568   6.132   1.00 7.69  ? 10 6OG B "O3'" 1 
HETATM 201 C C     . 6OG B 1 4 ? -5.741  -2.581  -0.219  1.00 8.68  ? 10 6OG B C     1 
ATOM   202 P P     . DC  B 1 5 ? -2.915  4.986   6.610   1.00 8.42  ? 11 DC  B P     1 
ATOM   203 O OP1   . DC  B 1 5 ? -2.774  6.165   7.570   1.00 7.74  ? 11 DC  B OP1   1 
ATOM   204 O OP2   . DC  B 1 5 ? -2.228  5.377   5.299   1.00 6.34  ? 11 DC  B OP2   1 
ATOM   205 O "O5'" . DC  B 1 5 ? -2.346  3.681   7.389   1.00 8.41  ? 11 DC  B "O5'" 1 
ATOM   206 C "C5'" . DC  B 1 5 ? -1.174  3.823   8.232   1.00 8.36  ? 11 DC  B "C5'" 1 
ATOM   207 C "C4'" . DC  B 1 5 ? -0.223  2.674   7.881   1.00 8.52  ? 11 DC  B "C4'" 1 
ATOM   208 O "O4'" . DC  B 1 5 ? -0.942  1.476   7.719   1.00 8.28  ? 11 DC  B "O4'" 1 
ATOM   209 C "C3'" . DC  B 1 5 ? 0.592   2.849   6.608   1.00 8.77  ? 11 DC  B "C3'" 1 
ATOM   210 O "O3'" . DC  B 1 5 ? 1.992   2.691   6.884   1.00 8.95  ? 11 DC  B "O3'" 1 
ATOM   211 C "C2'" . DC  B 1 5 ? 0.026   1.783   5.630   1.00 8.68  ? 11 DC  B "C2'" 1 
ATOM   212 C "C1'" . DC  B 1 5 ? -0.498  0.710   6.576   1.00 7.96  ? 11 DC  B "C1'" 1 
ATOM   213 N N1    . DC  B 1 5 ? -1.596  -0.148  6.089   1.00 6.65  ? 11 DC  B N1    1 
ATOM   214 C C2    . DC  B 1 5 ? -1.291  -1.236  5.304   1.00 6.50  ? 11 DC  B C2    1 
ATOM   215 O O2    . DC  B 1 5 ? -0.106  -1.458  4.985   1.00 6.59  ? 11 DC  B O2    1 
ATOM   216 N N3    . DC  B 1 5 ? -2.292  -2.061  4.864   1.00 6.12  ? 11 DC  B N3    1 
ATOM   217 C C4    . DC  B 1 5 ? -3.598  -1.828  5.219   1.00 6.70  ? 11 DC  B C4    1 
ATOM   218 N N4    . DC  B 1 5 ? -4.537  -2.661  4.745   1.00 7.07  ? 11 DC  B N4    1 
ATOM   219 C C5    . DC  B 1 5 ? -3.925  -0.724  6.028   1.00 6.20  ? 11 DC  B C5    1 
ATOM   220 C C6    . DC  B 1 5 ? -2.911  0.075   6.446   1.00 7.11  ? 11 DC  B C6    1 
ATOM   221 P P     . DG  B 1 6 ? 2.909   4.029   7.312   1.00 10.94 ? 12 DG  B P     1 
ATOM   222 O OP1   . DG  B 1 6 ? 2.570   5.151   6.404   1.00 8.93  ? 12 DG  B OP1   1 
ATOM   223 O OP2   . DG  B 1 6 ? 4.293   3.560   7.094   1.00 10.02 ? 12 DG  B OP2   1 
ATOM   224 O "O5'" . DG  B 1 6 ? 2.492   4.300   8.836   1.00 9.28  ? 12 DG  B "O5'" 1 
ATOM   225 C "C5'" . DG  B 1 6 ? 2.730   3.412   9.969   1.00 9.81  ? 12 DG  B "C5'" 1 
ATOM   226 C "C4'" . DG  B 1 6 ? 2.182   4.208   11.154  1.00 10.02 ? 12 DG  B "C4'" 1 
ATOM   227 O "O4'" . DG  B 1 6 ? 0.749   4.231   11.037  1.00 9.50  ? 12 DG  B "O4'" 1 
ATOM   228 C "C3'" . DG  B 1 6 ? 2.478   3.688   12.551  1.00 9.83  ? 12 DG  B "C3'" 1 
ATOM   229 O "O3'" . DG  B 1 6 ? 2.411   4.711   13.553  1.00 10.34 ? 12 DG  B "O3'" 1 
ATOM   230 C "C2'" . DG  B 1 6 ? 1.347   2.654   12.730  1.00 9.52  ? 12 DG  B "C2'" 1 
ATOM   231 C "C1'" . DG  B 1 6 ? 0.189   3.453   12.134  1.00 10.23 ? 12 DG  B "C1'" 1 
ATOM   232 N N9    . DG  B 1 6 ? -0.887  2.574   11.694  1.00 10.43 ? 12 DG  B N9    1 
ATOM   233 C C8    . DG  B 1 6 ? -2.236  2.790   11.806  1.00 10.72 ? 12 DG  B C8    1 
ATOM   234 N N7    . DG  B 1 6 ? -2.982  1.827   11.315  1.00 11.11 ? 12 DG  B N7    1 
ATOM   235 C C5    . DG  B 1 6 ? -2.041  0.906   10.840  1.00 11.46 ? 12 DG  B C5    1 
ATOM   236 C C6    . DG  B 1 6 ? -2.196  -0.343  10.190  1.00 11.46 ? 12 DG  B C6    1 
ATOM   237 O O6    . DG  B 1 6 ? -3.284  -0.874  9.923   1.00 12.31 ? 12 DG  B O6    1 
ATOM   238 N N1    . DG  B 1 6 ? -1.027  -0.970  9.863   1.00 11.71 ? 12 DG  B N1    1 
ATOM   239 C C2    . DG  B 1 6 ? 0.188   -0.432  10.136  1.00 11.88 ? 12 DG  B C2    1 
ATOM   240 N N2    . DG  B 1 6 ? 1.252   -1.143  9.760   1.00 11.31 ? 12 DG  B N2    1 
ATOM   241 N N3    . DG  B 1 6 ? 0.383   0.748   10.747  1.00 11.32 ? 12 DG  B N3    1 
ATOM   242 C C4    . DG  B 1 6 ? -0.749  1.362   11.056  1.00 11.02 ? 12 DG  B C4    1 
HETATM 243 O O     . HOH C 2 . ? -3.682  -10.236 4.968   1.00 16.53 ? 13 HOH A O     1 
HETATM 244 O O     . HOH C 2 . ? -7.134  -3.828  7.691   1.00 3.19  ? 14 HOH A O     1 
HETATM 245 O O     . HOH C 2 . ? -6.416  -2.073  10.898  1.00 12.57 ? 15 HOH A O     1 
HETATM 246 O O     . HOH C 2 . ? 6.898   -8.728  4.805   1.00 17.23 ? 17 HOH A O     1 
HETATM 247 O O     . HOH C 2 . ? 5.880   2.467   3.537   1.00 16.83 ? 20 HOH A O     1 
HETATM 248 O O     . HOH C 2 . ? 3.750   -3.957  4.060   1.00 10.99 ? 21 HOH A O     1 
HETATM 249 O O     . HOH C 2 . ? -0.671  4.524   -3.666  1.00 10.33 ? 22 HOH A O     1 
HETATM 250 O O     . HOH C 2 . ? 0.964   1.836   0.516   1.00 19.43 ? 25 HOH A O     1 
HETATM 251 O O     . HOH C 2 . ? 4.730   10.948  -2.247  1.00 16.38 ? 26 HOH A O     1 
HETATM 252 O O     . HOH C 2 . ? 3.947   2.380   -0.792  1.00 4.34  ? 30 HOH A O     1 
HETATM 253 O O     . HOH C 2 . ? -0.443  -10.670 8.511   1.00 11.23 ? 33 HOH A O     1 
HETATM 254 O O     . HOH C 2 . ? -1.317  -13.373 8.723   1.00 10.00 ? 34 HOH A O     1 
HETATM 255 O O     . HOH C 2 . ? 0.134   -8.960  10.269  1.00 10.35 ? 35 HOH A O     1 
HETATM 256 O O     . HOH C 2 . ? 4.489   -5.560  6.998   1.00 8.24  ? 37 HOH A O     1 
HETATM 257 O O     . HOH C 2 . ? 2.528   -3.609  7.308   1.00 22.32 ? 38 HOH A O     1 
HETATM 258 O O     . HOH C 2 . ? 6.721   -9.872  7.411   1.00 24.44 ? 39 HOH A O     1 
HETATM 259 O O     . HOH C 2 . ? 8.364   -3.913  -2.117  1.00 10.53 ? 41 HOH A O     1 
HETATM 260 O O     . HOH C 2 . ? 8.988   -3.219  1.261   1.00 14.34 ? 42 HOH A O     1 
HETATM 261 O O     . HOH C 2 . ? 7.445   -9.111  0.455   1.00 4.78  ? 44 HOH A O     1 
HETATM 262 O O     . HOH C 2 . ? 8.419   0.961   4.529   1.00 8.58  ? 45 HOH A O     1 
HETATM 263 O O     . HOH C 2 . ? -0.070  9.842   -2.211  1.00 6.86  ? 49 HOH A O     1 
HETATM 264 O O     . HOH C 2 . ? 5.399   -11.822 8.659   1.00 19.54 ? 50 HOH A O     1 
HETATM 265 O O     . HOH C 2 . ? 7.341   -0.517  7.104   1.00 12.51 ? 52 HOH A O     1 
HETATM 266 O O     . HOH C 2 . ? 8.068   -6.652  5.313   1.00 20.34 ? 53 HOH A O     1 
HETATM 267 O O     . HOH C 2 . ? 2.040   -0.013  3.257   1.00 23.87 ? 55 HOH A O     1 
HETATM 268 O O     . HOH C 2 . ? 4.101   -2.290  -8.524  1.00 11.28 ? 59 HOH A O     1 
HETATM 269 O O     . HOH C 2 . ? 5.112   -14.128 3.105   1.00 22.05 ? 60 HOH A O     1 
HETATM 270 O O     . HOH C 2 . ? 5.248   -11.555 5.356   1.00 19.53 ? 61 HOH A O     1 
HETATM 271 O O     . HOH C 2 . ? 5.329   -11.007 1.702   1.00 16.75 ? 64 HOH A O     1 
HETATM 272 O O     . HOH C 2 . ? 7.199   3.080   -9.210  1.00 24.17 ? 72 HOH A O     1 
HETATM 273 O O     . HOH D 2 . ? -5.777  0.907   12.280  1.00 16.22 ? 16 HOH B O     1 
HETATM 274 O O     . HOH D 2 . ? 0.413   6.571   5.922   1.00 11.94 ? 18 HOH B O     1 
HETATM 275 O O     . HOH D 2 . ? -4.819  5.733   8.938   1.00 14.45 ? 19 HOH B O     1 
HETATM 276 O O     . HOH D 2 . ? -11.021 -0.232  -1.944  1.00 17.41 ? 23 HOH B O     1 
HETATM 277 O O     . HOH D 2 . ? -1.081  3.985   2.793   1.00 32.81 ? 24 HOH B O     1 
HETATM 278 O O     . HOH D 2 . ? -3.830  3.803   -5.141  1.00 6.75  ? 27 HOH B O     1 
HETATM 279 O O     . HOH D 2 . ? -4.438  7.301   -3.501  1.00 11.47 ? 28 HOH B O     1 
HETATM 280 O O     . HOH D 2 . ? -6.742  5.301   -4.231  1.00 17.41 ? 29 HOH B O     1 
HETATM 281 O O     . HOH D 2 . ? -2.396  5.556   -8.790  1.00 8.17  ? 31 HOH B O     1 
HETATM 282 O O     . HOH D 2 . ? -7.241  7.003   -9.853  1.00 9.86  ? 32 HOH B O     1 
HETATM 283 O O     . HOH D 2 . ? -6.095  0.663   9.800   1.00 10.00 ? 36 HOH B O     1 
HETATM 284 O O     . HOH D 2 . ? -3.395  7.377   10.088  1.00 29.76 ? 40 HOH B O     1 
HETATM 285 O O     . HOH D 2 . ? -2.391  -7.421  -1.698  1.00 14.58 ? 43 HOH B O     1 
HETATM 286 O O     . HOH D 2 . ? 2.314   3.006   3.496   1.00 16.05 ? 46 HOH B O     1 
HETATM 287 O O     . HOH D 2 . ? 0.319   -4.743  -7.823  1.00 14.00 ? 47 HOH B O     1 
HETATM 288 O O     . HOH D 2 . ? -5.270  9.112   -0.204  1.00 14.61 ? 48 HOH B O     1 
HETATM 289 O O     . HOH D 2 . ? -7.351  6.203   -1.396  1.00 12.21 ? 51 HOH B O     1 
HETATM 290 O O     . HOH D 2 . ? 4.427   -0.442  6.588   1.00 44.76 ? 54 HOH B O     1 
HETATM 291 O O     . HOH D 2 . ? -10.083 4.175   -10.973 1.00 35.28 ? 56 HOH B O     1 
HETATM 292 O O     . HOH D 2 . ? 0.346   3.740   -1.310  1.00 5.93  ? 57 HOH B O     1 
HETATM 293 O O     . HOH D 2 . ? -1.980  6.987   -6.681  1.00 15.23 ? 58 HOH B O     1 
HETATM 294 O O     . HOH D 2 . ? -0.384  -8.683  -4.387  1.00 18.81 ? 62 HOH B O     1 
HETATM 295 O O     . HOH D 2 . ? -5.292  3.049   10.132  1.00 28.01 ? 63 HOH B O     1 
HETATM 296 O O     . HOH D 2 . ? 3.972   -1.241  8.994   1.00 20.64 ? 65 HOH B O     1 
HETATM 297 O O     . HOH D 2 . ? -9.047  5.755   -4.015  1.00 8.82  ? 66 HOH B O     1 
HETATM 298 O O     . HOH D 2 . ? 5.951   -2.414  5.177   1.00 40.77 ? 67 HOH B O     1 
HETATM 299 O O     . HOH D 2 . ? -11.499 6.562   -8.974  1.00 29.12 ? 68 HOH B O     1 
HETATM 300 O O     . HOH D 2 . ? -3.597  -5.690  -3.307  1.00 21.10 ? 69 HOH B O     1 
HETATM 301 O O     . HOH D 2 . ? 2.532   4.506   -0.145  1.00 25.87 ? 70 HOH B O     1 
HETATM 302 O O     . HOH D 2 . ? -2.628  5.677   -4.671  1.00 1.56  ? 71 HOH B O     1 
# 
